data_7MI8
#
_entry.id   7MI8
#
_cell.length_a   1.00
_cell.length_b   1.00
_cell.length_c   1.00
_cell.angle_alpha   90.00
_cell.angle_beta   90.00
_cell.angle_gamma   90.00
#
_symmetry.space_group_name_H-M   'P 1'
#
_entity_poly.entity_id   1
_entity_poly.type   'polypeptide(L)'
_entity_poly.pdbx_seq_one_letter_code
;GEFVIEKSLNRIKKFWKEAQYEVIEHSSGLKLVREWDVLEQACKEDLEELVSMKASNYYKIFEQDCLDLESKLTKLSEIQ
VNWVEVQFYWLDLYGILGENLDIQNFLPLETSKFKSLTSEYKMITTRAFQLDTTIEVIHIPNFDTTLKLTIDSLKMIKSS
LSTFLERQRRQFPRFYFLGNDDLLKIIGSGKHHDQVSKFMKKMFGSIESIIFLEDFITGVRSVEGEVLNLNEKIELKDSI
QAQEWLNILDTEIKLSVFTQFRDCLGQLKDGTDIEVVVSKYIFQAILLSAQVMWTELVEKCLQTNQFSKYWKEVDMKIKG
LLDKLNKSSDNVKKKIEALLVEYLHFNNVIGQLKNCSTKEEARLLWAKVQKFYQKNDTLDDLNSVFISQSGYLLQYKFEY
IGIPERLIYTPLLLIGFATLTDSLHQKYGGCFFGPAGTGKTETVKAFGQNLGRVVVVFNCDDSFDYQVLSRLLVGITQIG
AWGCFDQFNRLDEKVLSAVSANIQQIQNGLQVGKSHITLLEEETPLSPHTAVFITLNPGYNGRSELPENLKKSFREFSMK
SPQSGTIAEMILQIMGFEDSKSLASKIVHFLELLSSKCSSMNHYHFGLRTLKGVLRNCSPLISEFGEGEKTVVESLKRVI
LPSLGDTDELVFKDELSKIFDSAGTPLNSKAIVQCLKDAGQRSGFSMSEEFLKKCMQFYYMQKTQQALILVGKAGCGKTA
TWKTVIDAMAIFDGHANVVYVIDTKVLTKESLYGSMLKATLEWRDGLFTSILRRVNDDITGTFKNSRIWVVFDSDLDPEY
VEAMNSVLDDNKILTLPNGERLPIPPNFRILFETDNLDHTTPATITRCGLLWFSTDVCSISSKIDHLLNKSYEALDNKLS
MFELDKLKDLISDSFDMASLTNIFTCSNDLVHILGVRTFNKLETAVQLAVHLISSYRQWFQNLDDKSLKDVITLLIKRSL
LYALAGDSTGESQRAFIQTINTYFGHDSQELSDYSTIVIANDKLSFSSFCSEIPSVSLEAHEVMRPDIVIPTIDTIKHEK
IFYDLLNSKRGIILCGPPGSGKTMIMNNALRNSSLYDVVGINFSKDTTTEHILSALHRHTNYVTTSKGLTLLPKSDIKNL
VLFCDEINLPKLDKYGSQNVVLFLRQLMEKQGFWKTPENKWVTIERIHIVGACNPPTDPGRIPMSERFTRHAAILYLGYP
SGKSLSQIYEIYYKAIFKLVPEFRSYTEPFARASVHLYNECKARYSTGLQSHYLFSPRELTRLVRGVYTAINTGPRQTLR
SLIRLWAYEAWRIFADRLVGVKEKNSFEQLLYETVDKYLPNQDLGNISSTSLLFSGLLSLDFKEVNKTDLVNFIEERFKT
FCDEELEVPMVIHESMVDHILRIDRALKQVQGHMMLIGASRTGKTILTRFVAWLNGLKIVQPKIHRHSNLSDFDMILKKA
ISDCSLKESRTCLIIDESNILETAFLERMNTLLANADIPDLFQGEEYDKLLNNLRNKTRSLGLLLDTEQELYDWFVGEIA
KNLHVVFTICDPTNNKSSAMISSPALFNRCIINWMGDWDTKTMSQVANNMVDVIPMEFTDFIVPEVNKELVFTEPIQTIR
DAVVNILIHFDRNFYQKMKVGVNPRSPGYFIDGLRALVKLVTAKYQDLQENQRFVNVGLEKLNESVLKVNELNKTLGSGS
GSNIFEMLRIDEGLRLKIYKDTEGYYTIGIGHLLTKSPSLNAAKSELDKAIGRNTNGVITKDEAEKLFNQDVDAAVRGIL
RNAKLKPVYDSLDAVRRAALINMVFQMGETGVAGFTNSLRMLQQKRWDEAAVNLAKSRWYNQTPNRAKRVITTFRTGTWD
AYGSGSGSSISLVKSLTFEKERWLNTTKQFSKTSQELIGNCIISSIYETYFGHLNERERADMLVILKRLLGKFAVKYDVN
YRFIDYLVTLDEKMKWLECGLDKNDYFLENMSIVMNSQDAVPFLLDPSSHMITVISNYYGNKTVLLSFLEEGFVKRLENA
IRFGSVVIIQDGEFFDPIISRLISREFNHAGNRVTVEIGDHEVDVSGDFKLFIHSCDPSGDIPIFLRSRVRLVHFVTNKE
SIETRIFDITLTEENAEMQRKREDLIKLNTEYKLKLKNLEKRLLEELNNSQGNMLENDELMVTLNNLKKEAMNIEKKLSE
SEEFFPQFDNLVEEYSIIGKHSVKIFSMLEKFGQFHWFYGISIGQFLSCFKRVFIKKSRETRAARTRVDEILWLLYQEVY
CQFSTALDKKFKMIMAMTMFCLYKFDIESEQYKEAVLTMIGVLSESSDGVPKLTVDTNDDLRYLWDYVTTKSYISALNWF
KNEFFVDEWNIADVVANSENNYFTMASERDVDGTFKLIELAKASKESLKIIPLGSIENLNYAQEEISKSKIEGGWILLQN
IQMSLSWVKTYLHKHVEETKAAEEHEKFKMFMTCHLTGDKLPAPLLQRTDRVVYEDIPGILDTVKDLWGSQFFTGKISGV
WSVYCTFLLSWFHALITARTRLVPHGFSKKYYFNDCDFQFASVYLENVLATNSTNNIPWAQVRDHIATIVYGGKIDEEKD
LEVVAKLCAHVFCGSDNLQIVPGVRIPQPLLQQSEEEERARLTAILSNTIEPADSLSSWLQLPRESILDYERLQAKEVAS
STEQLLQEMGSGSGSHHHHHH
;
_entity_poly.pdbx_strand_id   A
#
# COMPACT_ATOMS: atom_id res chain seq x y z
N SER A 162 -0.29 -38.89 -15.39
CA SER A 162 -0.01 -37.63 -14.71
C SER A 162 -0.80 -37.53 -13.43
N THR A 163 -1.98 -38.15 -13.41
CA THR A 163 -2.81 -38.14 -12.23
C THR A 163 -2.16 -38.92 -11.10
N PHE A 164 -1.45 -40.01 -11.42
CA PHE A 164 -0.69 -40.73 -10.41
C PHE A 164 0.39 -39.84 -9.79
N LEU A 165 1.05 -39.03 -10.63
CA LEU A 165 2.03 -38.10 -10.09
C LEU A 165 1.38 -36.99 -9.28
N GLU A 166 0.24 -36.46 -9.73
CA GLU A 166 -0.43 -35.41 -8.96
C GLU A 166 -0.91 -35.93 -7.62
N ARG A 167 -1.40 -37.17 -7.57
CA ARG A 167 -1.80 -37.72 -6.28
C ARG A 167 -0.58 -37.98 -5.41
N GLN A 168 0.55 -38.33 -6.02
CA GLN A 168 1.78 -38.47 -5.26
C GLN A 168 2.24 -37.14 -4.69
N ARG A 169 2.04 -36.05 -5.45
CA ARG A 169 2.29 -34.71 -4.93
C ARG A 169 1.36 -34.38 -3.78
N ARG A 170 0.11 -34.86 -3.85
CA ARG A 170 -0.83 -34.59 -2.77
C ARG A 170 -0.46 -35.36 -1.50
N GLN A 171 0.14 -36.53 -1.63
CA GLN A 171 0.57 -37.26 -0.43
C GLN A 171 1.73 -36.55 0.26
N PHE A 172 2.74 -36.15 -0.50
CA PHE A 172 3.90 -35.44 0.05
C PHE A 172 4.03 -34.09 -0.66
N PRO A 173 3.58 -33.00 -0.04
CA PRO A 173 3.56 -31.71 -0.73
C PRO A 173 4.93 -31.12 -1.05
N ARG A 174 6.03 -31.69 -0.57
CA ARG A 174 7.34 -31.18 -0.96
C ARG A 174 7.67 -31.52 -2.41
N PHE A 175 7.01 -32.53 -2.97
CA PHE A 175 7.28 -32.96 -4.34
C PHE A 175 6.90 -31.93 -5.36
N TYR A 176 6.13 -30.92 -4.98
CA TYR A 176 5.79 -29.84 -5.90
C TYR A 176 7.04 -29.10 -6.35
N PHE A 177 8.08 -29.02 -5.51
CA PHE A 177 9.27 -28.28 -5.91
C PHE A 177 10.11 -29.03 -6.94
N LEU A 178 10.06 -30.36 -6.95
CA LEU A 178 11.02 -31.13 -7.76
C LEU A 178 10.77 -31.03 -9.25
N GLY A 179 9.58 -31.41 -9.69
CA GLY A 179 9.29 -31.49 -11.11
C GLY A 179 9.08 -32.94 -11.54
N ASN A 180 8.74 -33.10 -12.81
CA ASN A 180 8.37 -34.41 -13.32
C ASN A 180 9.57 -35.35 -13.41
N ASP A 181 10.68 -34.87 -13.98
CA ASP A 181 11.82 -35.73 -14.29
C ASP A 181 12.44 -36.30 -13.02
N ASP A 182 12.65 -35.46 -12.02
CA ASP A 182 13.28 -35.92 -10.80
C ASP A 182 12.35 -36.82 -10.00
N LEU A 183 11.05 -36.55 -10.06
CA LEU A 183 10.11 -37.35 -9.30
C LEU A 183 9.98 -38.75 -9.87
N LEU A 184 10.10 -38.88 -11.20
CA LEU A 184 10.00 -40.22 -11.79
C LEU A 184 11.15 -41.10 -11.31
N LYS A 185 12.34 -40.53 -11.17
CA LYS A 185 13.45 -41.32 -10.64
C LYS A 185 13.28 -41.58 -9.16
N ILE A 186 12.69 -40.64 -8.42
CA ILE A 186 12.48 -40.89 -7.00
C ILE A 186 11.50 -42.04 -6.79
N ILE A 187 10.43 -42.07 -7.58
CA ILE A 187 9.47 -43.17 -7.47
C ILE A 187 10.08 -44.48 -7.93
N GLY A 188 10.90 -44.45 -8.98
CA GLY A 188 11.47 -45.69 -9.45
C GLY A 188 12.60 -46.29 -8.65
N SER A 189 13.54 -45.46 -8.20
CA SER A 189 14.75 -45.92 -7.51
C SER A 189 14.59 -46.03 -6.01
N GLY A 190 13.37 -46.24 -5.50
CA GLY A 190 13.19 -46.32 -4.05
C GLY A 190 13.87 -47.51 -3.40
N LYS A 191 14.10 -48.59 -4.15
CA LYS A 191 14.74 -49.77 -3.56
C LYS A 191 16.20 -49.51 -3.23
N HIS A 192 16.90 -48.80 -4.11
CA HIS A 192 18.34 -48.60 -3.95
C HIS A 192 18.63 -47.58 -2.84
N HIS A 193 17.77 -46.58 -2.67
CA HIS A 193 17.72 -45.54 -1.62
C HIS A 193 18.82 -44.49 -1.57
N ASP A 194 19.84 -44.50 -2.41
CA ASP A 194 20.86 -43.47 -2.22
C ASP A 194 20.69 -42.28 -3.15
N GLN A 195 20.08 -42.48 -4.30
CA GLN A 195 19.95 -41.43 -5.30
C GLN A 195 18.96 -40.35 -4.91
N VAL A 196 18.12 -40.60 -3.91
CA VAL A 196 17.13 -39.59 -3.53
C VAL A 196 17.80 -38.40 -2.86
N SER A 197 18.95 -38.64 -2.20
CA SER A 197 19.60 -37.60 -1.41
C SER A 197 20.01 -36.40 -2.25
N LYS A 198 20.28 -36.61 -3.54
CA LYS A 198 20.70 -35.51 -4.40
C LYS A 198 19.57 -34.52 -4.60
N PHE A 199 18.34 -35.00 -4.62
CA PHE A 199 17.23 -34.10 -4.81
C PHE A 199 16.80 -33.43 -3.52
N MET A 200 17.34 -33.84 -2.36
CA MET A 200 16.81 -33.34 -1.10
C MET A 200 17.02 -31.84 -0.92
N LYS A 201 18.09 -31.29 -1.51
CA LYS A 201 18.33 -29.85 -1.43
C LYS A 201 17.23 -29.07 -2.12
N LYS A 202 16.58 -29.69 -3.10
CA LYS A 202 15.52 -28.98 -3.79
C LYS A 202 14.25 -29.03 -2.96
N MET A 203 13.94 -30.18 -2.37
CA MET A 203 12.68 -30.29 -1.65
C MET A 203 12.76 -29.87 -0.19
N PHE A 204 13.94 -29.53 0.32
CA PHE A 204 14.05 -29.01 1.68
C PHE A 204 14.61 -27.60 1.69
N GLY A 205 15.69 -27.34 0.97
CA GLY A 205 16.33 -26.05 0.91
C GLY A 205 17.45 -25.86 1.91
N SER A 206 17.38 -26.51 3.06
CA SER A 206 18.42 -26.37 4.06
C SER A 206 19.45 -27.49 4.02
N ILE A 207 19.00 -28.73 4.09
CA ILE A 207 19.90 -29.87 4.18
C ILE A 207 20.36 -30.30 2.79
N GLU A 208 21.45 -31.07 2.77
CA GLU A 208 22.10 -31.51 1.54
C GLU A 208 21.97 -33.01 1.29
N SER A 209 22.41 -33.84 2.22
CA SER A 209 22.37 -35.27 2.01
C SER A 209 21.98 -35.96 3.31
N ILE A 210 21.50 -37.19 3.17
CA ILE A 210 21.04 -37.99 4.29
C ILE A 210 22.07 -39.07 4.56
N ILE A 211 22.42 -39.25 5.82
CA ILE A 211 23.45 -40.21 6.24
C ILE A 211 22.79 -41.53 6.60
N PHE A 212 23.38 -42.62 6.15
CA PHE A 212 22.85 -43.95 6.45
C PHE A 212 23.88 -44.77 7.19
N LEU A 213 23.39 -45.80 7.89
CA LEU A 213 24.25 -46.80 8.51
C LEU A 213 23.93 -48.19 7.99
N GLU A 214 23.33 -48.28 6.79
CA GLU A 214 22.91 -49.45 6.01
C GLU A 214 21.70 -50.15 6.61
N ASP A 215 21.24 -49.71 7.75
CA ASP A 215 20.08 -50.28 8.42
C ASP A 215 19.03 -49.23 8.75
N PHE A 216 19.46 -48.02 9.10
CA PHE A 216 18.55 -46.98 9.55
C PHE A 216 19.13 -45.63 9.14
N ILE A 217 18.32 -44.60 9.34
CA ILE A 217 18.75 -43.24 9.08
C ILE A 217 19.31 -42.68 10.37
N THR A 218 20.61 -42.37 10.37
CA THR A 218 21.22 -41.80 11.55
C THR A 218 20.97 -40.30 11.63
N GLY A 219 20.94 -39.62 10.50
CA GLY A 219 20.69 -38.20 10.51
C GLY A 219 20.86 -37.62 9.12
N VAL A 220 20.95 -36.28 9.08
CA VAL A 220 21.08 -35.53 7.84
C VAL A 220 22.13 -34.46 8.02
N ARG A 221 22.73 -34.02 6.91
CA ARG A 221 23.74 -32.99 6.99
C ARG A 221 23.32 -31.79 6.17
N SER A 222 23.71 -30.61 6.64
CA SER A 222 23.35 -29.37 5.98
C SER A 222 24.30 -29.12 4.82
N VAL A 223 24.04 -28.03 4.10
CA VAL A 223 24.91 -27.67 2.98
C VAL A 223 26.26 -27.20 3.47
N GLU A 224 26.39 -26.85 4.75
CA GLU A 224 27.67 -26.42 5.29
C GLU A 224 28.52 -27.57 5.77
N GLY A 225 27.91 -28.67 6.21
CA GLY A 225 28.68 -29.80 6.66
C GLY A 225 28.31 -30.28 8.04
N GLU A 226 27.49 -29.50 8.75
CA GLU A 226 27.06 -29.87 10.09
C GLU A 226 26.16 -31.09 10.05
N VAL A 227 26.46 -32.07 10.89
CA VAL A 227 25.70 -33.30 10.97
C VAL A 227 24.65 -33.18 12.06
N LEU A 228 23.43 -33.60 11.75
CA LEU A 228 22.32 -33.65 12.68
C LEU A 228 21.95 -35.10 12.92
N ASN A 229 21.82 -35.47 14.18
CA ASN A 229 21.49 -36.82 14.60
C ASN A 229 20.04 -36.90 15.05
N LEU A 230 19.30 -37.85 14.52
CA LEU A 230 17.90 -38.03 14.89
C LEU A 230 17.79 -38.87 16.15
N ASN A 231 16.67 -38.70 16.85
CA ASN A 231 16.41 -39.46 18.06
C ASN A 231 15.96 -40.87 17.73
N GLU A 232 14.87 -40.97 16.97
CA GLU A 232 14.30 -42.25 16.58
C GLU A 232 14.77 -42.58 15.17
N LYS A 233 15.42 -43.73 15.02
CA LYS A 233 15.93 -44.14 13.71
C LYS A 233 14.81 -44.72 12.87
N ILE A 234 14.87 -44.47 11.57
CA ILE A 234 13.85 -44.93 10.65
C ILE A 234 14.25 -46.28 10.08
N GLU A 235 13.37 -47.26 10.23
CA GLU A 235 13.62 -48.58 9.68
C GLU A 235 13.33 -48.61 8.18
N LEU A 236 14.05 -49.46 7.46
CA LEU A 236 13.91 -49.59 6.03
C LEU A 236 13.72 -51.06 5.64
N LYS A 237 12.78 -51.31 4.73
CA LYS A 237 12.52 -52.66 4.23
C LYS A 237 12.31 -52.59 2.74
N ASP A 238 12.04 -53.76 2.13
CA ASP A 238 11.86 -53.81 0.68
C ASP A 238 10.49 -53.30 0.26
N SER A 239 9.44 -53.67 0.99
CA SER A 239 8.07 -53.28 0.63
C SER A 239 7.73 -51.97 1.32
N ILE A 240 8.40 -50.91 0.86
CA ILE A 240 8.18 -49.58 1.41
C ILE A 240 8.22 -48.57 0.28
N GLN A 241 7.48 -47.48 0.46
CA GLN A 241 7.41 -46.39 -0.50
C GLN A 241 8.24 -45.22 0.00
N ALA A 242 8.62 -44.36 -0.94
CA ALA A 242 9.40 -43.18 -0.57
C ALA A 242 8.61 -42.21 0.29
N GLN A 243 7.29 -42.10 0.05
CA GLN A 243 6.47 -41.14 0.78
C GLN A 243 6.40 -41.46 2.26
N GLU A 244 6.52 -42.74 2.63
CA GLU A 244 6.33 -43.12 4.02
C GLU A 244 7.52 -42.69 4.85
N TRP A 245 8.73 -43.13 4.45
CA TRP A 245 9.91 -42.76 5.20
C TRP A 245 10.22 -41.28 5.03
N LEU A 246 9.80 -40.66 3.92
CA LEU A 246 10.02 -39.22 3.80
C LEU A 246 9.12 -38.44 4.76
N ASN A 247 7.89 -38.89 4.99
CA ASN A 247 7.05 -38.19 5.96
C ASN A 247 7.53 -38.43 7.39
N ILE A 248 8.01 -39.65 7.67
CA ILE A 248 8.55 -39.91 8.99
C ILE A 248 9.80 -39.08 9.24
N LEU A 249 10.63 -38.89 8.20
CA LEU A 249 11.80 -38.04 8.32
C LEU A 249 11.43 -36.58 8.50
N ASP A 250 10.36 -36.15 7.82
CA ASP A 250 9.91 -34.75 7.93
C ASP A 250 9.48 -34.42 9.35
N THR A 251 8.71 -35.31 9.98
CA THR A 251 8.32 -35.03 11.36
C THR A 251 9.48 -35.25 12.32
N GLU A 252 10.34 -36.22 12.01
CA GLU A 252 11.39 -36.60 12.94
C GLU A 252 12.45 -35.52 13.08
N ILE A 253 12.79 -34.81 11.99
CA ILE A 253 13.82 -33.78 12.14
C ILE A 253 13.30 -32.62 12.97
N LYS A 254 11.99 -32.36 12.92
CA LYS A 254 11.42 -31.29 13.74
C LYS A 254 11.41 -31.69 15.20
N LEU A 255 11.13 -32.96 15.46
CA LEU A 255 11.16 -33.42 16.85
C LEU A 255 12.58 -33.49 17.39
N SER A 256 13.56 -33.81 16.54
CA SER A 256 14.94 -33.82 17.01
C SER A 256 15.46 -32.41 17.26
N VAL A 257 14.98 -31.43 16.50
CA VAL A 257 15.37 -30.05 16.74
C VAL A 257 14.81 -29.59 18.07
N PHE A 258 13.55 -29.92 18.35
CA PHE A 258 12.99 -29.54 19.65
C PHE A 258 13.67 -30.28 20.79
N THR A 259 14.06 -31.53 20.57
CA THR A 259 14.74 -32.30 21.61
C THR A 259 16.08 -31.66 21.98
N GLN A 260 16.91 -31.35 20.97
CA GLN A 260 18.17 -30.69 21.29
C GLN A 260 17.96 -29.27 21.81
N PHE A 261 16.81 -28.66 21.53
CA PHE A 261 16.58 -27.32 22.05
C PHE A 261 16.29 -27.38 23.54
N ARG A 262 15.36 -28.24 23.95
CA ARG A 262 15.08 -28.35 25.37
C ARG A 262 16.27 -28.90 26.14
N ASP A 263 17.09 -29.76 25.52
CA ASP A 263 18.29 -30.24 26.20
C ASP A 263 19.30 -29.12 26.39
N CYS A 264 19.46 -28.26 25.38
CA CYS A 264 20.34 -27.10 25.50
C CYS A 264 19.87 -26.15 26.59
N LEU A 265 18.57 -25.83 26.58
CA LEU A 265 18.04 -24.92 27.59
C LEU A 265 18.18 -25.51 28.99
N GLY A 266 17.97 -26.81 29.14
CA GLY A 266 18.15 -27.43 30.44
C GLY A 266 19.58 -27.43 30.92
N GLN A 267 20.54 -27.61 29.99
CA GLN A 267 21.94 -27.57 30.38
C GLN A 267 22.37 -26.15 30.74
N LEU A 268 21.95 -25.18 29.92
CA LEU A 268 22.30 -23.78 30.15
C LEU A 268 21.69 -23.24 31.44
N LYS A 269 20.49 -23.72 31.81
CA LYS A 269 19.92 -23.36 33.10
C LYS A 269 20.74 -23.91 34.26
N ASP A 270 21.44 -25.01 34.07
CA ASP A 270 22.23 -25.61 35.15
C ASP A 270 23.67 -25.08 35.14
N GLY A 271 23.80 -23.75 35.10
CA GLY A 271 25.04 -23.02 35.18
C GLY A 271 26.24 -23.54 34.40
N THR A 272 26.06 -23.80 33.11
CA THR A 272 27.12 -24.37 32.29
C THR A 272 27.77 -23.31 31.41
N ASP A 273 28.92 -23.68 30.86
CA ASP A 273 29.68 -22.82 29.97
C ASP A 273 29.13 -22.90 28.56
N ILE A 274 29.23 -21.80 27.82
CA ILE A 274 28.76 -21.84 26.44
C ILE A 274 29.78 -22.58 25.58
N GLU A 275 31.05 -22.56 25.98
CA GLU A 275 32.10 -23.21 25.21
C GLU A 275 31.97 -24.73 25.23
N VAL A 276 31.49 -25.31 26.32
CA VAL A 276 31.27 -26.76 26.29
C VAL A 276 30.01 -27.11 25.51
N VAL A 277 28.99 -26.24 25.55
CA VAL A 277 27.73 -26.55 24.86
C VAL A 277 27.87 -26.45 23.35
N VAL A 278 28.63 -25.46 22.87
CA VAL A 278 28.75 -25.24 21.42
C VAL A 278 29.33 -26.48 20.72
N SER A 279 30.30 -27.14 21.34
CA SER A 279 30.90 -28.32 20.73
C SER A 279 29.97 -29.53 20.71
N LYS A 280 28.81 -29.48 21.37
CA LYS A 280 27.96 -30.65 21.50
C LYS A 280 26.60 -30.53 20.82
N TYR A 281 25.98 -29.37 20.82
CA TYR A 281 24.65 -29.20 20.26
C TYR A 281 24.71 -28.36 18.99
N ILE A 282 23.67 -28.51 18.16
CA ILE A 282 23.62 -27.82 16.86
C ILE A 282 23.45 -26.33 17.09
N PHE A 283 23.64 -25.54 16.03
CA PHE A 283 23.62 -24.10 16.16
C PHE A 283 22.24 -23.55 16.50
N GLN A 284 21.19 -24.06 15.85
CA GLN A 284 19.85 -23.50 16.02
C GLN A 284 19.33 -23.67 17.44
N ALA A 285 19.68 -24.78 18.09
CA ALA A 285 19.19 -25.01 19.44
C ALA A 285 19.88 -24.08 20.44
N ILE A 286 21.19 -23.91 20.29
CA ILE A 286 21.92 -23.06 21.22
C ILE A 286 21.55 -21.60 20.98
N LEU A 287 21.18 -21.27 19.74
CA LEU A 287 20.77 -19.91 19.44
C LEU A 287 19.43 -19.60 20.10
N LEU A 288 18.45 -20.49 19.93
CA LEU A 288 17.13 -20.24 20.53
C LEU A 288 17.18 -20.28 22.04
N SER A 289 17.95 -21.22 22.62
CA SER A 289 18.04 -21.31 24.07
C SER A 289 18.77 -20.10 24.66
N ALA A 290 19.77 -19.57 23.95
CA ALA A 290 20.45 -18.39 24.44
C ALA A 290 19.55 -17.18 24.35
N GLN A 291 18.73 -17.09 23.31
CA GLN A 291 17.81 -15.97 23.20
C GLN A 291 16.75 -16.02 24.29
N VAL A 292 16.28 -17.22 24.62
CA VAL A 292 15.25 -17.36 25.65
C VAL A 292 15.82 -16.99 27.01
N MET A 293 17.03 -17.47 27.33
CA MET A 293 17.58 -17.12 28.63
C MET A 293 17.95 -15.65 28.71
N TRP A 294 18.37 -15.04 27.60
CA TRP A 294 18.70 -13.62 27.62
C TRP A 294 17.48 -12.77 27.88
N THR A 295 16.37 -13.04 27.18
CA THR A 295 15.18 -12.23 27.43
C THR A 295 14.59 -12.54 28.81
N GLU A 296 14.78 -13.76 29.30
CA GLU A 296 14.25 -14.10 30.62
C GLU A 296 14.99 -13.36 31.72
N LEU A 297 16.31 -13.27 31.63
CA LEU A 297 17.04 -12.54 32.64
C LEU A 297 16.90 -11.02 32.48
N VAL A 298 16.65 -10.55 31.27
CA VAL A 298 16.56 -9.10 31.13
C VAL A 298 15.18 -8.61 31.50
N GLU A 299 14.16 -9.49 31.50
CA GLU A 299 12.85 -9.07 31.97
C GLU A 299 12.87 -8.72 33.46
N LYS A 300 13.50 -9.57 34.28
CA LYS A 300 13.66 -9.20 35.69
C LYS A 300 14.71 -8.12 35.88
N CYS A 301 15.64 -7.98 34.94
CA CYS A 301 16.61 -6.89 35.05
C CYS A 301 15.95 -5.55 34.80
N LEU A 302 14.87 -5.52 34.02
CA LEU A 302 14.13 -4.28 33.81
C LEU A 302 13.51 -3.78 35.10
N GLN A 303 13.18 -4.67 36.03
CA GLN A 303 12.62 -4.25 37.30
C GLN A 303 13.71 -3.94 38.32
N THR A 304 14.71 -4.80 38.42
CA THR A 304 15.72 -4.61 39.46
C THR A 304 16.76 -3.56 39.07
N ASN A 305 16.87 -3.25 37.77
CA ASN A 305 17.79 -2.24 37.22
C ASN A 305 19.25 -2.54 37.55
N GLN A 306 19.65 -3.78 37.27
CA GLN A 306 21.02 -4.25 37.47
C GLN A 306 21.70 -4.58 36.15
N PHE A 307 21.55 -3.69 35.17
CA PHE A 307 22.10 -3.90 33.83
C PHE A 307 23.61 -4.13 33.84
N SER A 308 24.34 -3.47 34.73
CA SER A 308 25.80 -3.65 34.77
C SER A 308 26.19 -5.07 35.15
N LYS A 309 25.37 -5.74 35.99
CA LYS A 309 25.70 -7.07 36.46
C LYS A 309 25.59 -8.08 35.33
N TYR A 310 24.61 -7.92 34.45
CA TYR A 310 24.43 -8.85 33.35
C TYR A 310 25.27 -8.43 32.15
N TRP A 311 25.62 -7.14 32.10
CA TRP A 311 26.48 -6.62 31.06
C TRP A 311 27.89 -7.19 31.19
N LYS A 312 28.41 -7.28 32.43
CA LYS A 312 29.73 -7.87 32.57
C LYS A 312 29.74 -9.36 32.26
N GLU A 313 28.66 -10.08 32.57
CA GLU A 313 28.62 -11.50 32.25
C GLU A 313 28.56 -11.73 30.74
N VAL A 314 27.78 -10.92 30.02
CA VAL A 314 27.74 -11.11 28.57
C VAL A 314 29.09 -10.73 27.94
N ASP A 315 29.75 -9.67 28.45
CA ASP A 315 31.05 -9.31 27.91
C ASP A 315 32.09 -10.40 28.18
N MET A 316 32.00 -11.06 29.34
CA MET A 316 32.91 -12.16 29.62
C MET A 316 32.62 -13.34 28.70
N LYS A 317 31.35 -13.57 28.37
CA LYS A 317 31.05 -14.66 27.44
C LYS A 317 31.51 -14.34 26.04
N ILE A 318 31.45 -13.06 25.65
CA ILE A 318 31.93 -12.64 24.35
C ILE A 318 33.43 -12.86 24.23
N LYS A 319 34.19 -12.40 25.22
CA LYS A 319 35.63 -12.62 25.18
C LYS A 319 35.99 -14.10 25.28
N GLY A 320 35.19 -14.90 25.99
CA GLY A 320 35.44 -16.33 26.03
C GLY A 320 35.25 -16.99 24.68
N LEU A 321 34.22 -16.57 23.95
CA LEU A 321 34.02 -17.14 22.63
C LEU A 321 35.01 -16.56 21.63
N LEU A 322 35.57 -15.38 21.91
CA LEU A 322 36.60 -14.84 21.03
C LEU A 322 37.89 -15.64 21.17
N ASP A 323 38.29 -15.97 22.40
CA ASP A 323 39.51 -16.78 22.52
C ASP A 323 39.29 -18.18 21.99
N LYS A 324 38.08 -18.73 22.12
CA LYS A 324 37.87 -20.04 21.54
C LYS A 324 37.76 -19.99 20.01
N LEU A 325 37.46 -18.84 19.44
CA LEU A 325 37.35 -18.72 17.98
C LEU A 325 38.68 -18.91 17.27
N ASN A 326 39.75 -18.28 17.75
CA ASN A 326 41.05 -18.41 17.11
C ASN A 326 41.65 -19.80 17.21
N LYS A 327 41.21 -20.61 18.17
CA LYS A 327 41.73 -21.95 18.35
C LYS A 327 40.70 -22.99 17.90
N SER A 328 39.90 -22.64 16.90
CA SER A 328 38.78 -23.47 16.47
C SER A 328 38.97 -23.99 15.06
N SER A 329 38.50 -25.22 14.82
CA SER A 329 38.52 -25.82 13.50
C SER A 329 37.49 -25.14 12.60
N ASP A 330 37.67 -25.34 11.29
CA ASP A 330 36.85 -24.65 10.28
C ASP A 330 35.37 -24.99 10.41
N ASN A 331 35.03 -26.19 10.90
CA ASN A 331 33.64 -26.57 11.02
C ASN A 331 32.90 -25.73 12.06
N VAL A 332 33.47 -25.63 13.26
CA VAL A 332 32.83 -24.91 14.35
C VAL A 332 33.04 -23.40 14.27
N LYS A 333 33.93 -22.94 13.39
CA LYS A 333 34.23 -21.51 13.32
C LYS A 333 33.04 -20.69 12.84
N LYS A 334 32.29 -21.19 11.86
CA LYS A 334 31.10 -20.43 11.42
C LYS A 334 30.03 -20.43 12.49
N LYS A 335 29.94 -21.51 13.28
CA LYS A 335 28.98 -21.56 14.38
C LYS A 335 29.34 -20.52 15.44
N ILE A 336 30.64 -20.38 15.72
CA ILE A 336 31.04 -19.40 16.71
C ILE A 336 30.81 -17.98 16.20
N GLU A 337 31.09 -17.72 14.92
CA GLU A 337 30.82 -16.38 14.39
C GLU A 337 29.32 -16.07 14.40
N ALA A 338 28.51 -17.08 14.12
CA ALA A 338 27.06 -16.92 14.14
C ALA A 338 26.55 -16.65 15.55
N LEU A 339 27.23 -17.17 16.57
CA LEU A 339 26.80 -16.81 17.92
C LEU A 339 27.36 -15.46 18.38
N LEU A 340 28.49 -15.03 17.84
CA LEU A 340 29.01 -13.71 18.23
C LEU A 340 28.19 -12.57 17.67
N VAL A 341 27.63 -12.71 16.46
CA VAL A 341 26.81 -11.60 15.97
C VAL A 341 25.57 -11.42 16.85
N GLU A 342 25.00 -12.52 17.34
CA GLU A 342 23.87 -12.42 18.26
C GLU A 342 24.29 -11.86 19.61
N TYR A 343 25.46 -12.26 20.12
CA TYR A 343 25.88 -11.74 21.40
C TYR A 343 26.24 -10.26 21.32
N LEU A 344 26.74 -9.81 20.17
CA LEU A 344 26.95 -8.37 19.99
C LEU A 344 25.63 -7.63 19.93
N HIS A 345 24.58 -8.27 19.39
CA HIS A 345 23.27 -7.63 19.41
C HIS A 345 22.74 -7.54 20.84
N PHE A 346 22.94 -8.60 21.63
CA PHE A 346 22.49 -8.59 23.03
C PHE A 346 23.20 -7.50 23.82
N ASN A 347 24.52 -7.37 23.63
CA ASN A 347 25.28 -6.35 24.33
C ASN A 347 24.89 -4.96 23.88
N ASN A 348 24.57 -4.78 22.59
CA ASN A 348 24.13 -3.47 22.13
C ASN A 348 22.80 -3.09 22.74
N VAL A 349 21.90 -4.05 22.89
CA VAL A 349 20.61 -3.75 23.50
C VAL A 349 20.77 -3.40 24.98
N ILE A 350 21.60 -4.16 25.70
CA ILE A 350 21.82 -3.86 27.12
C ILE A 350 22.51 -2.51 27.29
N GLY A 351 23.43 -2.18 26.38
CA GLY A 351 24.09 -0.89 26.44
C GLY A 351 23.13 0.27 26.21
N GLN A 352 22.18 0.09 25.29
CA GLN A 352 21.21 1.16 25.08
C GLN A 352 20.23 1.24 26.23
N LEU A 353 19.90 0.11 26.86
CA LEU A 353 18.99 0.13 28.00
C LEU A 353 19.63 0.74 29.23
N LYS A 354 20.96 0.63 29.38
CA LYS A 354 21.60 1.17 30.56
C LYS A 354 21.59 2.69 30.57
N ASN A 355 21.68 3.33 29.42
CA ASN A 355 21.78 4.79 29.35
C ASN A 355 20.44 5.50 29.38
N CYS A 356 19.34 4.77 29.52
CA CYS A 356 18.03 5.41 29.62
C CYS A 356 17.90 6.15 30.95
N SER A 357 17.06 7.19 30.94
CA SER A 357 16.82 7.95 32.17
C SER A 357 15.98 7.14 33.15
N THR A 358 14.76 6.78 32.76
CA THR A 358 13.89 6.04 33.64
C THR A 358 13.30 4.80 32.96
N LYS A 359 12.34 4.16 33.62
CA LYS A 359 11.69 2.98 33.07
C LYS A 359 10.87 3.27 31.83
N GLU A 360 10.52 4.54 31.60
CA GLU A 360 9.71 4.91 30.45
C GLU A 360 10.47 4.71 29.15
N GLU A 361 11.68 5.29 29.04
CA GLU A 361 12.48 5.05 27.85
C GLU A 361 12.91 3.60 27.74
N ALA A 362 13.04 2.92 28.89
CA ALA A 362 13.41 1.51 28.85
C ALA A 362 12.30 0.65 28.28
N ARG A 363 11.05 0.97 28.57
CA ARG A 363 9.98 0.17 27.98
C ARG A 363 9.72 0.57 26.53
N LEU A 364 9.95 1.85 26.19
CA LEU A 364 9.83 2.26 24.80
C LEU A 364 10.88 1.55 23.95
N LEU A 365 12.10 1.45 24.47
CA LEU A 365 13.14 0.72 23.76
C LEU A 365 12.86 -0.77 23.73
N TRP A 366 12.37 -1.33 24.85
CA TRP A 366 12.16 -2.76 24.92
C TRP A 366 10.99 -3.24 24.08
N ALA A 367 10.04 -2.36 23.75
CA ALA A 367 8.92 -2.78 22.92
C ALA A 367 9.37 -3.17 21.51
N LYS A 368 10.42 -2.53 20.98
CA LYS A 368 10.87 -2.81 19.63
C LYS A 368 11.75 -4.04 19.50
N VAL A 369 12.39 -4.47 20.57
CA VAL A 369 13.29 -5.62 20.52
C VAL A 369 12.49 -6.91 20.52
N GLN A 370 12.91 -7.88 19.71
CA GLN A 370 12.22 -9.16 19.61
C GLN A 370 12.44 -9.98 20.88
N LYS A 371 11.34 -10.39 21.50
CA LYS A 371 11.35 -11.15 22.74
C LYS A 371 10.91 -12.59 22.50
N PHE A 372 11.70 -13.56 22.96
CA PHE A 372 11.42 -14.99 22.75
C PHE A 372 10.94 -15.62 24.06
N TYR A 373 9.62 -15.84 24.17
CA TYR A 373 9.05 -16.45 25.35
C TYR A 373 8.68 -17.90 25.09
N GLN A 374 8.38 -18.61 26.18
CA GLN A 374 8.03 -20.01 26.17
C GLN A 374 6.77 -20.22 26.97
N LYS A 375 5.99 -21.21 26.59
CA LYS A 375 4.77 -21.57 27.32
C LYS A 375 5.06 -22.79 28.19
N ASN A 376 4.72 -22.68 29.47
CA ASN A 376 4.96 -23.78 30.40
C ASN A 376 3.81 -24.78 30.46
N ASP A 377 2.57 -24.31 30.27
CA ASP A 377 1.40 -25.16 30.37
C ASP A 377 0.94 -25.68 29.02
N THR A 378 1.81 -25.65 28.01
CA THR A 378 1.43 -26.00 26.65
C THR A 378 1.02 -27.48 26.52
N LEU A 379 1.93 -28.40 26.90
CA LEU A 379 1.86 -29.85 26.62
C LEU A 379 1.71 -30.14 25.13
N ASP A 380 2.05 -29.17 24.28
CA ASP A 380 1.95 -29.15 22.83
C ASP A 380 3.27 -28.67 22.26
N ASP A 381 4.34 -29.34 22.69
CA ASP A 381 5.75 -28.98 22.62
C ASP A 381 6.21 -28.20 21.40
N LEU A 382 5.78 -28.59 20.20
CA LEU A 382 6.14 -27.86 18.98
C LEU A 382 5.63 -26.43 18.96
N ASN A 383 4.64 -26.08 19.79
CA ASN A 383 4.09 -24.74 19.83
C ASN A 383 4.45 -24.00 21.11
N SER A 384 5.52 -24.40 21.79
CA SER A 384 5.82 -23.83 23.11
C SER A 384 6.35 -22.41 23.02
N VAL A 385 7.37 -22.19 22.20
CA VAL A 385 8.03 -20.88 22.13
C VAL A 385 7.32 -19.98 21.12
N PHE A 386 7.07 -18.74 21.53
CA PHE A 386 6.51 -17.70 20.69
C PHE A 386 7.33 -16.42 20.81
N ILE A 387 7.17 -15.54 19.83
CA ILE A 387 7.98 -14.33 19.71
C ILE A 387 7.06 -13.11 19.80
N SER A 388 7.36 -12.23 20.74
CA SER A 388 6.60 -11.01 20.96
C SER A 388 7.41 -9.80 20.53
N GLN A 389 6.77 -8.89 19.81
CA GLN A 389 7.42 -7.64 19.38
C GLN A 389 6.35 -6.59 19.18
N SER A 390 6.48 -5.46 19.88
CA SER A 390 5.57 -4.31 19.81
C SER A 390 4.14 -4.72 20.14
N GLY A 391 3.97 -5.79 20.91
CA GLY A 391 2.66 -6.25 21.31
C GLY A 391 2.11 -7.39 20.47
N TYR A 392 2.74 -7.71 19.34
CA TYR A 392 2.22 -8.78 18.50
C TYR A 392 3.01 -10.07 18.74
N LEU A 393 2.34 -11.19 18.51
CA LEU A 393 2.89 -12.51 18.75
C LEU A 393 3.04 -13.29 17.45
N LEU A 394 4.05 -14.14 17.39
CA LEU A 394 4.32 -14.97 16.22
C LEU A 394 4.86 -16.32 16.68
N GLN A 395 4.24 -17.40 16.24
CA GLN A 395 4.62 -18.73 16.68
C GLN A 395 5.88 -19.22 15.98
N TYR A 396 6.82 -19.74 16.76
CA TYR A 396 8.05 -20.32 16.24
C TYR A 396 7.82 -21.72 15.70
N LYS A 397 8.13 -21.94 14.43
CA LYS A 397 8.09 -23.26 13.83
C LYS A 397 9.48 -23.89 13.93
N PHE A 398 9.52 -25.17 14.25
CA PHE A 398 10.79 -25.85 14.49
C PHE A 398 11.35 -26.49 13.21
N GLU A 399 11.54 -25.66 12.19
CA GLU A 399 12.09 -26.11 10.92
C GLU A 399 13.60 -25.94 10.92
N TYR A 400 14.30 -26.99 10.48
CA TYR A 400 15.76 -26.99 10.47
C TYR A 400 16.30 -26.00 9.44
N ILE A 401 17.25 -25.17 9.85
CA ILE A 401 17.85 -24.18 8.97
C ILE A 401 19.35 -24.36 8.80
N GLY A 402 19.99 -25.26 9.53
CA GLY A 402 21.43 -25.44 9.36
C GLY A 402 22.21 -24.31 9.99
N ILE A 403 23.25 -23.85 9.27
CA ILE A 403 24.05 -22.72 9.72
C ILE A 403 24.01 -21.62 8.66
N PRO A 404 22.98 -20.78 8.64
CA PRO A 404 22.91 -19.73 7.64
C PRO A 404 23.72 -18.52 8.08
N GLU A 405 24.08 -17.69 7.10
CA GLU A 405 24.85 -16.49 7.43
C GLU A 405 23.94 -15.46 8.08
N ARG A 406 24.46 -14.75 9.07
CA ARG A 406 23.69 -13.80 9.87
C ARG A 406 24.07 -12.37 9.57
N LEU A 407 23.07 -11.54 9.31
CA LEU A 407 23.29 -10.13 9.06
C LEU A 407 23.64 -9.41 10.36
N ILE A 408 24.36 -8.30 10.24
CA ILE A 408 24.64 -7.45 11.39
C ILE A 408 23.35 -6.76 11.84
N TYR A 409 23.04 -6.86 13.13
CA TYR A 409 21.85 -6.20 13.66
C TYR A 409 22.03 -4.69 13.68
N THR A 410 21.12 -3.99 13.02
CA THR A 410 21.14 -2.55 12.84
C THR A 410 19.72 -2.06 13.04
N PRO A 411 19.54 -0.76 13.35
CA PRO A 411 18.17 -0.26 13.58
C PRO A 411 17.22 -0.45 12.42
N LEU A 412 17.68 -0.23 11.19
CA LEU A 412 16.78 -0.39 10.05
C LEU A 412 16.36 -1.83 9.85
N LEU A 413 17.20 -2.78 10.24
CA LEU A 413 16.82 -4.19 10.19
C LEU A 413 15.69 -4.50 11.16
N LEU A 414 15.74 -3.93 12.37
CA LEU A 414 14.65 -4.13 13.31
C LEU A 414 13.39 -3.38 12.88
N ILE A 415 13.53 -2.24 12.21
CA ILE A 415 12.35 -1.57 11.67
C ILE A 415 11.69 -2.41 10.59
N GLY A 416 12.50 -3.05 9.73
CA GLY A 416 11.95 -3.95 8.74
C GLY A 416 11.28 -5.16 9.37
N PHE A 417 11.85 -5.67 10.46
CA PHE A 417 11.20 -6.77 11.17
C PHE A 417 9.88 -6.32 11.79
N ALA A 418 9.82 -5.07 12.25
CA ALA A 418 8.58 -4.58 12.83
C ALA A 418 7.52 -4.38 11.76
N THR A 419 7.92 -3.96 10.56
CA THR A 419 6.94 -3.82 9.48
C THR A 419 6.43 -5.17 9.03
N LEU A 420 7.30 -6.18 9.05
CA LEU A 420 6.84 -7.51 8.65
C LEU A 420 5.89 -8.10 9.66
N THR A 421 6.21 -7.98 10.96
CA THR A 421 5.29 -8.56 11.95
C THR A 421 4.00 -7.75 12.05
N ASP A 422 4.04 -6.45 11.72
CA ASP A 422 2.81 -5.66 11.71
C ASP A 422 1.92 -6.05 10.55
N SER A 423 2.51 -6.34 9.39
CA SER A 423 1.69 -6.77 8.27
C SER A 423 1.18 -8.19 8.48
N LEU A 424 2.00 -9.07 9.06
CA LEU A 424 1.57 -10.44 9.30
C LEU A 424 0.53 -10.56 10.41
N HIS A 425 0.46 -9.60 11.34
CA HIS A 425 -0.55 -9.69 12.38
C HIS A 425 -1.96 -9.60 11.83
N GLN A 426 -2.17 -8.81 10.79
CA GLN A 426 -3.48 -8.72 10.16
C GLN A 426 -3.59 -9.55 8.89
N LYS A 427 -2.68 -10.51 8.71
CA LYS A 427 -2.65 -11.41 7.56
C LYS A 427 -2.56 -10.64 6.24
N TYR A 428 -1.77 -9.58 6.24
CA TYR A 428 -1.53 -8.78 5.05
C TYR A 428 -0.17 -9.13 4.48
N GLY A 429 -0.06 -9.07 3.16
CA GLY A 429 1.20 -9.39 2.52
C GLY A 429 2.23 -8.29 2.71
N GLY A 430 3.47 -8.70 2.94
CA GLY A 430 4.56 -7.76 3.13
C GLY A 430 5.31 -7.52 1.83
N CYS A 431 5.65 -6.26 1.58
CA CYS A 431 6.35 -5.90 0.35
C CYS A 431 7.10 -4.61 0.54
N PHE A 432 8.32 -4.55 0.02
CA PHE A 432 9.07 -3.30 0.13
C PHE A 432 9.99 -3.05 -1.06
N PHE A 433 9.96 -1.80 -1.51
CA PHE A 433 10.75 -1.32 -2.62
C PHE A 433 11.93 -0.50 -2.11
N GLY A 434 12.89 -0.29 -3.00
CA GLY A 434 14.04 0.54 -2.69
C GLY A 434 15.13 0.26 -3.69
N PRO A 435 16.21 1.04 -3.64
CA PRO A 435 17.32 0.82 -4.57
C PRO A 435 17.97 -0.53 -4.33
N ALA A 436 18.58 -1.09 -5.38
CA ALA A 436 19.20 -2.38 -5.26
C ALA A 436 20.46 -2.27 -4.41
N GLY A 437 20.76 -3.35 -3.69
CA GLY A 437 21.91 -3.36 -2.80
C GLY A 437 21.62 -3.01 -1.37
N THR A 438 20.37 -3.06 -0.93
CA THR A 438 20.03 -2.73 0.45
C THR A 438 19.64 -3.94 1.27
N GLY A 439 19.60 -5.13 0.67
CA GLY A 439 19.33 -6.33 1.44
C GLY A 439 17.87 -6.59 1.74
N LYS A 440 17.02 -6.55 0.72
CA LYS A 440 15.61 -6.82 0.94
C LYS A 440 15.36 -8.30 1.17
N THR A 441 15.87 -9.15 0.26
CA THR A 441 15.65 -10.58 0.41
C THR A 441 16.46 -11.15 1.55
N GLU A 442 17.63 -10.57 1.81
CA GLU A 442 18.42 -10.99 2.96
C GLU A 442 17.66 -10.69 4.25
N THR A 443 16.94 -9.57 4.29
CA THR A 443 16.13 -9.25 5.46
C THR A 443 14.97 -10.23 5.62
N VAL A 444 14.33 -10.60 4.51
CA VAL A 444 13.22 -11.54 4.61
C VAL A 444 13.71 -12.92 5.06
N LYS A 445 14.86 -13.36 4.53
CA LYS A 445 15.39 -14.64 4.95
C LYS A 445 15.83 -14.62 6.41
N ALA A 446 16.44 -13.52 6.87
CA ALA A 446 16.79 -13.43 8.28
C ALA A 446 15.55 -13.41 9.16
N PHE A 447 14.46 -12.80 8.69
CA PHE A 447 13.21 -12.83 9.44
C PHE A 447 12.67 -14.25 9.54
N GLY A 448 12.83 -15.03 8.48
CA GLY A 448 12.39 -16.42 8.52
C GLY A 448 13.27 -17.28 9.41
N GLN A 449 14.58 -17.03 9.38
CA GLN A 449 15.50 -17.78 10.24
C GLN A 449 15.26 -17.49 11.72
N ASN A 450 14.92 -16.24 12.05
CA ASN A 450 14.64 -15.90 13.44
C ASN A 450 13.44 -16.64 14.00
N LEU A 451 12.51 -17.08 13.14
CA LEU A 451 11.35 -17.85 13.57
C LEU A 451 11.48 -19.31 13.21
N GLY A 452 12.63 -19.75 12.72
CA GLY A 452 12.83 -21.13 12.34
C GLY A 452 12.04 -21.49 11.10
N ARG A 453 12.27 -20.76 10.02
CA ARG A 453 11.60 -21.02 8.75
C ARG A 453 12.60 -20.88 7.63
N VAL A 454 12.43 -21.69 6.60
CA VAL A 454 13.26 -21.64 5.41
C VAL A 454 12.44 -20.97 4.31
N VAL A 455 12.75 -19.71 4.05
CA VAL A 455 12.01 -18.91 3.08
C VAL A 455 12.40 -19.35 1.67
N VAL A 456 11.42 -19.75 0.89
CA VAL A 456 11.67 -20.17 -0.48
C VAL A 456 11.64 -18.93 -1.37
N VAL A 457 12.74 -18.65 -2.03
CA VAL A 457 12.89 -17.48 -2.89
C VAL A 457 12.53 -17.86 -4.32
N PHE A 458 11.80 -16.99 -5.02
CA PHE A 458 11.41 -17.25 -6.40
C PHE A 458 12.14 -16.29 -7.33
N ASN A 459 13.04 -16.82 -8.15
CA ASN A 459 13.77 -15.99 -9.11
C ASN A 459 12.82 -15.45 -10.15
N CYS A 460 13.05 -14.21 -10.58
CA CYS A 460 12.19 -13.56 -11.56
C CYS A 460 12.94 -13.21 -12.85
N ASP A 461 12.32 -13.56 -13.98
CA ASP A 461 12.82 -13.31 -15.35
C ASP A 461 14.22 -13.89 -15.55
N ASP A 462 14.43 -15.09 -15.03
CA ASP A 462 15.72 -15.77 -15.17
C ASP A 462 15.44 -17.18 -15.69
N SER A 463 15.07 -17.23 -16.98
CA SER A 463 14.76 -18.47 -17.71
C SER A 463 13.72 -19.33 -17.00
N PHE A 464 12.68 -18.69 -16.49
CA PHE A 464 11.65 -19.40 -15.76
C PHE A 464 10.35 -19.42 -16.55
N ASP A 465 9.74 -20.59 -16.66
CA ASP A 465 8.49 -20.76 -17.37
C ASP A 465 7.39 -20.71 -16.33
N TYR A 466 6.35 -19.91 -16.59
CA TYR A 466 5.21 -19.73 -15.68
C TYR A 466 4.55 -21.01 -15.15
N GLN A 467 4.89 -22.16 -15.71
CA GLN A 467 4.30 -23.41 -15.25
C GLN A 467 4.91 -23.82 -13.92
N VAL A 468 6.24 -23.89 -13.86
CA VAL A 468 6.91 -24.28 -12.64
C VAL A 468 6.64 -23.30 -11.51
N LEU A 469 6.41 -22.02 -11.83
CA LEU A 469 6.08 -21.06 -10.78
C LEU A 469 4.72 -21.38 -10.17
N SER A 470 3.77 -21.80 -10.99
CA SER A 470 2.47 -22.14 -10.44
C SER A 470 2.54 -23.43 -9.65
N ARG A 471 3.43 -24.34 -10.04
CA ARG A 471 3.61 -25.56 -9.27
C ARG A 471 4.23 -25.23 -7.90
N LEU A 472 5.17 -24.28 -7.88
CA LEU A 472 5.73 -23.87 -6.59
C LEU A 472 4.71 -23.12 -5.74
N LEU A 473 3.81 -22.35 -6.36
CA LEU A 473 2.82 -21.65 -5.55
C LEU A 473 1.82 -22.61 -4.94
N VAL A 474 1.38 -23.62 -5.69
CA VAL A 474 0.45 -24.57 -5.08
C VAL A 474 1.16 -25.40 -4.01
N GLY A 475 2.45 -25.67 -4.20
CA GLY A 475 3.11 -26.46 -3.18
C GLY A 475 3.37 -25.65 -1.93
N ILE A 476 3.69 -24.37 -2.08
CA ILE A 476 3.94 -23.57 -0.88
C ILE A 476 2.63 -23.22 -0.21
N THR A 477 1.51 -23.26 -0.95
CA THR A 477 0.21 -23.02 -0.36
C THR A 477 -0.29 -24.26 0.37
N GLN A 478 0.30 -25.41 0.06
CA GLN A 478 -0.09 -26.61 0.81
C GLN A 478 0.80 -26.81 2.03
N ILE A 479 2.12 -26.67 1.86
CA ILE A 479 3.05 -26.90 2.97
C ILE A 479 2.87 -25.85 4.07
N GLY A 480 2.52 -24.62 3.71
CA GLY A 480 2.48 -23.55 4.67
C GLY A 480 3.80 -22.87 4.91
N ALA A 481 4.70 -22.91 3.93
CA ALA A 481 5.98 -22.22 4.00
C ALA A 481 5.81 -20.78 3.56
N TRP A 482 6.90 -20.02 3.58
CA TRP A 482 6.89 -18.61 3.24
C TRP A 482 7.61 -18.39 1.94
N GLY A 483 7.00 -17.64 1.03
CA GLY A 483 7.57 -17.40 -0.29
C GLY A 483 7.93 -15.93 -0.46
N CYS A 484 9.09 -15.69 -1.06
CA CYS A 484 9.56 -14.34 -1.33
C CYS A 484 9.79 -14.17 -2.82
N PHE A 485 9.12 -13.19 -3.42
CA PHE A 485 9.27 -12.88 -4.82
C PHE A 485 10.38 -11.86 -4.96
N ASP A 486 11.56 -12.37 -5.29
CA ASP A 486 12.76 -11.56 -5.43
C ASP A 486 12.71 -10.81 -6.75
N GLN A 487 12.76 -9.48 -6.67
CA GLN A 487 12.84 -8.57 -7.83
C GLN A 487 11.64 -8.77 -8.76
N PHE A 488 10.47 -8.44 -8.23
CA PHE A 488 9.20 -8.73 -8.91
C PHE A 488 8.93 -7.83 -10.11
N ASN A 489 9.53 -6.65 -10.16
CA ASN A 489 9.25 -5.72 -11.26
C ASN A 489 9.69 -6.23 -12.62
N ARG A 490 10.79 -7.00 -12.68
CA ARG A 490 11.28 -7.47 -13.97
C ARG A 490 10.47 -8.70 -14.38
N LEU A 491 9.30 -8.45 -14.97
CA LEU A 491 8.47 -9.54 -15.43
C LEU A 491 7.77 -9.13 -16.73
N ASP A 492 7.33 -10.14 -17.47
CA ASP A 492 6.55 -9.89 -18.67
C ASP A 492 5.11 -9.61 -18.26
N GLU A 493 4.40 -8.84 -19.08
CA GLU A 493 3.06 -8.39 -18.72
C GLU A 493 2.06 -9.55 -18.56
N LYS A 494 2.17 -10.59 -19.39
CA LYS A 494 1.24 -11.71 -19.24
C LYS A 494 1.56 -12.55 -18.01
N VAL A 495 2.84 -12.76 -17.73
CA VAL A 495 3.19 -13.54 -16.56
C VAL A 495 2.95 -12.72 -15.30
N LEU A 496 3.25 -11.41 -15.34
CA LEU A 496 3.00 -10.56 -14.19
C LEU A 496 1.51 -10.49 -13.87
N SER A 497 0.67 -10.49 -14.89
CA SER A 497 -0.77 -10.45 -14.65
C SER A 497 -1.26 -11.75 -14.03
N ALA A 498 -0.78 -12.88 -14.55
CA ALA A 498 -1.27 -14.16 -14.01
C ALA A 498 -0.75 -14.41 -12.59
N VAL A 499 0.52 -14.06 -12.33
CA VAL A 499 1.04 -14.26 -10.97
C VAL A 499 0.38 -13.30 -10.00
N SER A 500 0.11 -12.06 -10.40
CA SER A 500 -0.58 -11.14 -9.51
C SER A 500 -1.99 -11.63 -9.21
N ALA A 501 -2.62 -12.32 -10.17
CA ALA A 501 -3.92 -12.92 -9.88
C ALA A 501 -3.80 -14.04 -8.87
N ASN A 502 -2.76 -14.88 -9.00
CA ASN A 502 -2.60 -15.99 -8.07
C ASN A 502 -2.29 -15.48 -6.66
N ILE A 503 -1.47 -14.44 -6.55
CA ILE A 503 -1.16 -13.84 -5.26
C ILE A 503 -2.40 -13.23 -4.65
N GLN A 504 -3.27 -12.64 -5.50
CA GLN A 504 -4.52 -12.08 -4.98
C GLN A 504 -5.41 -13.18 -4.41
N GLN A 505 -5.45 -14.34 -5.06
CA GLN A 505 -6.25 -15.44 -4.52
C GLN A 505 -5.68 -15.95 -3.21
N ILE A 506 -4.35 -16.04 -3.10
CA ILE A 506 -3.75 -16.53 -1.86
C ILE A 506 -4.02 -15.56 -0.72
N GLN A 507 -3.78 -14.27 -0.93
CA GLN A 507 -3.98 -13.31 0.14
C GLN A 507 -5.45 -13.17 0.52
N ASN A 508 -6.36 -13.30 -0.44
CA ASN A 508 -7.77 -13.22 -0.07
C ASN A 508 -8.21 -14.46 0.68
N GLY A 509 -7.64 -15.62 0.34
CA GLY A 509 -7.94 -16.82 1.10
C GLY A 509 -7.38 -16.76 2.51
N LEU A 510 -6.27 -16.06 2.68
CA LEU A 510 -5.72 -15.91 4.03
C LEU A 510 -6.57 -14.96 4.86
N GLN A 511 -6.90 -13.79 4.29
CA GLN A 511 -7.68 -12.81 5.05
C GLN A 511 -9.08 -13.32 5.38
N VAL A 512 -9.73 -14.00 4.44
CA VAL A 512 -11.07 -14.52 4.74
C VAL A 512 -10.99 -15.81 5.54
N GLY A 513 -10.04 -16.68 5.24
CA GLY A 513 -9.90 -17.92 5.97
C GLY A 513 -10.45 -19.16 5.29
N LYS A 514 -10.63 -19.13 3.97
CA LYS A 514 -11.15 -20.29 3.26
C LYS A 514 -10.18 -21.46 3.33
N SER A 515 -10.70 -22.64 3.65
CA SER A 515 -9.85 -23.83 3.72
C SER A 515 -9.38 -24.27 2.34
N HIS A 516 -10.27 -24.26 1.36
CA HIS A 516 -9.96 -24.71 0.00
C HIS A 516 -10.03 -23.54 -0.96
N ILE A 517 -9.03 -23.42 -1.82
CA ILE A 517 -9.00 -22.39 -2.84
C ILE A 517 -8.78 -23.03 -4.20
N THR A 518 -9.26 -22.33 -5.23
CA THR A 518 -9.15 -22.78 -6.60
C THR A 518 -7.92 -22.11 -7.21
N LEU A 519 -6.87 -22.89 -7.44
CA LEU A 519 -5.68 -22.39 -8.10
C LEU A 519 -5.34 -23.31 -9.24
N LEU A 520 -4.99 -22.73 -10.39
CA LEU A 520 -4.68 -23.46 -11.64
C LEU A 520 -5.87 -24.32 -12.06
N GLU A 521 -7.09 -23.87 -11.72
CA GLU A 521 -8.36 -24.59 -11.91
C GLU A 521 -8.31 -25.93 -11.15
N GLU A 522 -7.51 -25.95 -10.09
CA GLU A 522 -7.33 -27.11 -9.23
C GLU A 522 -7.78 -26.76 -7.82
N GLU A 523 -8.67 -27.59 -7.27
CA GLU A 523 -9.09 -27.41 -5.89
C GLU A 523 -7.95 -27.83 -4.98
N THR A 524 -7.62 -27.00 -3.98
CA THR A 524 -6.49 -27.35 -3.13
C THR A 524 -6.64 -26.75 -1.74
N PRO A 525 -6.21 -27.44 -0.69
CA PRO A 525 -6.32 -26.87 0.65
C PRO A 525 -5.32 -25.75 0.86
N LEU A 526 -5.65 -24.85 1.77
CA LEU A 526 -4.84 -23.69 2.09
C LEU A 526 -4.48 -23.72 3.56
N SER A 527 -3.21 -23.87 3.86
CA SER A 527 -2.84 -23.82 5.26
C SER A 527 -2.74 -22.36 5.70
N PRO A 528 -3.19 -22.03 6.92
CA PRO A 528 -3.17 -20.63 7.36
C PRO A 528 -1.79 -20.07 7.61
N HIS A 529 -0.74 -20.88 7.60
CA HIS A 529 0.59 -20.42 7.92
C HIS A 529 1.36 -19.84 6.73
N THR A 530 0.85 -19.97 5.51
CA THR A 530 1.58 -19.47 4.35
C THR A 530 1.61 -17.95 4.31
N ALA A 531 2.72 -17.40 3.83
CA ALA A 531 2.85 -15.96 3.67
C ALA A 531 3.69 -15.65 2.44
N VAL A 532 3.37 -14.54 1.78
CA VAL A 532 4.06 -14.13 0.56
C VAL A 532 4.62 -12.72 0.77
N PHE A 533 5.86 -12.51 0.33
CA PHE A 533 6.55 -11.24 0.44
C PHE A 533 7.05 -10.82 -0.93
N ILE A 534 7.04 -9.53 -1.23
CA ILE A 534 7.41 -9.01 -2.54
C ILE A 534 8.50 -7.94 -2.40
N THR A 535 9.71 -8.24 -2.89
CA THR A 535 10.76 -7.23 -2.94
C THR A 535 10.77 -6.56 -4.31
N LEU A 536 10.95 -5.24 -4.33
CA LEU A 536 10.85 -4.47 -5.58
C LEU A 536 12.14 -3.70 -5.86
N ASN A 537 12.82 -4.04 -6.96
CA ASN A 537 13.97 -3.26 -7.43
C ASN A 537 13.54 -1.84 -7.82
N PRO A 538 14.49 -0.89 -7.85
CA PRO A 538 14.14 0.48 -8.23
C PRO A 538 13.72 0.56 -9.69
N GLY A 539 12.65 1.28 -9.94
CA GLY A 539 12.18 1.51 -11.29
C GLY A 539 13.10 2.47 -12.02
N TYR A 540 12.68 2.83 -13.23
CA TYR A 540 13.44 3.76 -14.05
C TYR A 540 12.71 5.06 -14.29
N ASN A 541 11.38 5.08 -14.16
CA ASN A 541 10.64 6.32 -14.07
C ASN A 541 10.61 6.87 -12.66
N GLY A 542 11.21 6.14 -11.71
CA GLY A 542 11.18 6.49 -10.31
C GLY A 542 11.38 5.25 -9.46
N ARG A 543 10.48 5.04 -8.50
CA ARG A 543 10.42 3.78 -7.77
C ARG A 543 9.35 2.89 -8.38
N SER A 544 9.64 1.59 -8.48
CA SER A 544 8.69 0.64 -9.03
C SER A 544 7.47 0.50 -8.13
N GLU A 545 6.35 0.14 -8.75
CA GLU A 545 5.06 0.09 -8.07
C GLU A 545 4.42 -1.27 -8.28
N LEU A 546 3.41 -1.54 -7.47
CA LEU A 546 2.67 -2.78 -7.53
C LEU A 546 1.52 -2.66 -8.51
N PRO A 547 1.04 -3.78 -9.06
CA PRO A 547 -0.18 -3.73 -9.87
C PRO A 547 -1.37 -3.30 -9.03
N GLU A 548 -2.40 -2.81 -9.71
CA GLU A 548 -3.55 -2.20 -9.03
C GLU A 548 -4.32 -3.19 -8.17
N ASN A 549 -4.35 -4.47 -8.56
CA ASN A 549 -5.10 -5.45 -7.79
C ASN A 549 -4.44 -5.76 -6.45
N LEU A 550 -3.12 -5.59 -6.35
CA LEU A 550 -2.40 -5.95 -5.14
C LEU A 550 -2.26 -4.81 -4.15
N LYS A 551 -2.63 -3.58 -4.52
CA LYS A 551 -2.43 -2.44 -3.64
C LYS A 551 -3.29 -2.52 -2.39
N LYS A 552 -4.50 -3.05 -2.52
CA LYS A 552 -5.41 -3.16 -1.38
C LYS A 552 -5.16 -4.40 -0.53
N SER A 553 -4.11 -5.16 -0.81
CA SER A 553 -3.81 -6.35 -0.04
C SER A 553 -2.40 -6.42 0.53
N PHE A 554 -1.52 -5.50 0.16
CA PHE A 554 -0.16 -5.49 0.68
C PHE A 554 0.11 -4.19 1.41
N ARG A 555 1.24 -4.15 2.11
CA ARG A 555 1.68 -2.96 2.83
C ARG A 555 3.09 -2.61 2.37
N GLU A 556 3.21 -1.46 1.71
CA GLU A 556 4.48 -1.07 1.11
C GLU A 556 5.38 -0.39 2.13
N PHE A 557 6.69 -0.63 2.00
CA PHE A 557 7.68 -0.03 2.88
C PHE A 557 8.84 0.51 2.04
N SER A 558 9.40 1.62 2.50
CA SER A 558 10.57 2.24 1.87
C SER A 558 11.84 1.75 2.54
N MET A 559 12.51 0.78 1.94
CA MET A 559 13.70 0.18 2.51
C MET A 559 14.92 0.73 1.78
N LYS A 560 15.85 1.33 2.53
CA LYS A 560 17.10 1.79 1.94
C LYS A 560 18.32 1.24 2.66
N SER A 561 19.50 1.74 2.32
CA SER A 561 20.72 1.30 2.98
C SER A 561 20.78 1.87 4.40
N PRO A 562 21.48 1.17 5.32
CA PRO A 562 21.67 1.71 6.68
C PRO A 562 22.64 2.89 6.72
N GLU A 2173 -19.55 34.06 -46.16
CA GLU A 2173 -18.41 34.61 -45.45
C GLU A 2173 -18.61 34.51 -43.94
N GLU A 2174 -19.88 34.50 -43.53
CA GLU A 2174 -20.21 34.18 -42.14
C GLU A 2174 -19.74 32.79 -41.75
N TYR A 2175 -19.75 31.86 -42.69
CA TYR A 2175 -19.34 30.52 -42.32
C TYR A 2175 -17.84 30.36 -42.42
N SER A 2176 -17.16 31.22 -43.17
CA SER A 2176 -15.70 31.12 -43.17
C SER A 2176 -15.11 31.69 -41.89
N ILE A 2177 -15.62 32.85 -41.43
CA ILE A 2177 -15.25 33.34 -40.11
C ILE A 2177 -15.69 32.39 -39.00
N ILE A 2178 -16.80 31.66 -39.20
CA ILE A 2178 -17.14 30.60 -38.25
C ILE A 2178 -16.09 29.49 -38.30
N GLY A 2179 -15.67 29.10 -39.50
CA GLY A 2179 -14.81 27.94 -39.65
C GLY A 2179 -13.40 28.18 -39.15
N LYS A 2180 -12.83 29.35 -39.47
CA LYS A 2180 -11.50 29.70 -39.00
C LYS A 2180 -11.40 29.72 -37.48
N HIS A 2181 -12.51 29.99 -36.78
CA HIS A 2181 -12.52 29.85 -35.33
C HIS A 2181 -12.77 28.40 -34.91
N SER A 2182 -13.59 27.70 -35.68
CA SER A 2182 -13.94 26.32 -35.36
C SER A 2182 -12.74 25.39 -35.42
N VAL A 2183 -11.95 25.50 -36.49
CA VAL A 2183 -10.76 24.66 -36.62
C VAL A 2183 -9.74 24.97 -35.53
N LYS A 2184 -9.75 26.20 -35.01
CA LYS A 2184 -8.84 26.52 -33.92
C LYS A 2184 -9.33 25.96 -32.60
N ILE A 2185 -10.65 25.92 -32.42
CA ILE A 2185 -11.22 25.35 -31.21
C ILE A 2185 -10.97 23.85 -31.18
N PHE A 2186 -11.23 23.19 -32.32
CA PHE A 2186 -10.96 21.76 -32.42
C PHE A 2186 -9.48 21.45 -32.25
N SER A 2187 -8.60 22.32 -32.75
CA SER A 2187 -7.16 22.10 -32.56
C SER A 2187 -6.75 22.22 -31.10
N MET A 2188 -7.30 23.21 -30.39
CA MET A 2188 -7.01 23.33 -28.95
C MET A 2188 -7.49 22.09 -28.19
N LEU A 2189 -8.67 21.58 -28.53
CA LEU A 2189 -9.14 20.37 -27.86
C LEU A 2189 -8.32 19.16 -28.27
N GLU A 2190 -7.74 19.19 -29.47
CA GLU A 2190 -6.85 18.10 -29.90
C GLU A 2190 -5.55 18.13 -29.12
N LYS A 2191 -5.00 19.32 -28.86
CA LYS A 2191 -3.80 19.41 -28.03
C LYS A 2191 -4.09 19.00 -26.59
N PHE A 2192 -5.32 19.20 -26.13
CA PHE A 2192 -5.71 18.60 -24.85
C PHE A 2192 -5.77 17.09 -24.96
N GLY A 2193 -6.07 16.56 -26.15
CA GLY A 2193 -6.09 15.12 -26.30
C GLY A 2193 -4.71 14.48 -26.41
N GLN A 2194 -3.76 15.18 -27.02
CA GLN A 2194 -2.39 14.66 -26.98
C GLN A 2194 -1.73 14.86 -25.63
N PHE A 2195 -2.17 15.81 -24.81
CA PHE A 2195 -1.50 16.01 -23.53
C PHE A 2195 -1.75 14.85 -22.56
N HIS A 2196 -3.00 14.43 -22.42
CA HIS A 2196 -3.37 13.35 -21.51
C HIS A 2196 -4.32 12.40 -22.22
N TRP A 2197 -4.19 11.11 -21.92
CA TRP A 2197 -4.98 10.11 -22.65
C TRP A 2197 -6.46 10.22 -22.37
N PHE A 2198 -6.84 10.69 -21.17
CA PHE A 2198 -8.26 10.79 -20.86
C PHE A 2198 -8.95 11.94 -21.57
N TYR A 2199 -8.21 12.98 -21.95
CA TYR A 2199 -8.87 14.16 -22.51
C TYR A 2199 -9.05 14.05 -24.01
N GLY A 2200 -9.60 12.95 -24.48
CA GLY A 2200 -9.75 12.75 -25.90
C GLY A 2200 -11.04 13.33 -26.43
N ILE A 2201 -11.04 13.62 -27.73
CA ILE A 2201 -12.22 14.16 -28.41
C ILE A 2201 -12.17 13.73 -29.87
N SER A 2202 -13.34 13.38 -30.41
CA SER A 2202 -13.49 13.04 -31.82
C SER A 2202 -14.22 14.17 -32.52
N ILE A 2203 -14.30 14.07 -33.85
CA ILE A 2203 -14.97 15.12 -34.61
C ILE A 2203 -16.47 14.94 -34.60
N GLY A 2204 -16.96 13.72 -34.39
CA GLY A 2204 -18.39 13.48 -34.37
C GLY A 2204 -19.07 14.19 -33.21
N GLN A 2205 -18.40 14.22 -32.06
CA GLN A 2205 -18.93 14.95 -30.92
C GLN A 2205 -18.90 16.45 -31.15
N PHE A 2206 -17.93 16.94 -31.93
CA PHE A 2206 -17.90 18.36 -32.21
C PHE A 2206 -19.04 18.76 -33.13
N LEU A 2207 -19.38 17.93 -34.11
CA LEU A 2207 -20.52 18.30 -34.95
C LEU A 2207 -21.84 18.08 -34.21
N SER A 2208 -21.91 17.09 -33.33
CA SER A 2208 -23.13 16.89 -32.56
C SER A 2208 -23.37 18.06 -31.61
N CYS A 2209 -22.30 18.57 -31.01
CA CYS A 2209 -22.43 19.76 -30.18
C CYS A 2209 -22.71 21.00 -31.03
N PHE A 2210 -22.21 21.03 -32.26
CA PHE A 2210 -22.50 22.14 -33.16
C PHE A 2210 -23.97 22.17 -33.58
N LYS A 2211 -24.64 21.03 -33.64
CA LYS A 2211 -26.04 21.04 -34.04
C LYS A 2211 -26.93 21.66 -32.97
N ARG A 2212 -26.48 21.66 -31.72
CA ARG A 2212 -27.27 22.20 -30.60
C ARG A 2212 -27.40 23.71 -30.62
N VAL A 2213 -26.56 24.42 -31.39
CA VAL A 2213 -26.54 25.88 -31.32
C VAL A 2213 -27.83 26.53 -31.81
N PHE A 2214 -28.56 25.89 -32.73
CA PHE A 2214 -29.74 26.54 -33.28
C PHE A 2214 -30.91 26.50 -32.28
N ILE A 2215 -31.29 25.33 -31.83
CA ILE A 2215 -32.39 25.22 -30.89
C ILE A 2215 -31.89 25.33 -29.46
N THR A 2226 -26.15 40.66 -38.33
CA THR A 2226 -25.62 40.37 -37.01
C THR A 2226 -25.87 38.92 -36.62
N ARG A 2227 -26.37 38.13 -37.58
CA ARG A 2227 -26.64 36.72 -37.35
C ARG A 2227 -25.35 35.96 -37.02
N VAL A 2228 -24.27 36.33 -37.69
CA VAL A 2228 -22.97 35.72 -37.42
C VAL A 2228 -22.47 36.14 -36.05
N ASP A 2229 -22.63 37.43 -35.71
CA ASP A 2229 -22.15 37.96 -34.44
C ASP A 2229 -22.86 37.32 -33.24
N GLU A 2230 -24.06 36.78 -33.46
CA GLU A 2230 -24.80 36.10 -32.40
C GLU A 2230 -24.43 34.63 -32.36
N ILE A 2231 -24.44 33.97 -33.52
CA ILE A 2231 -24.23 32.52 -33.54
C ILE A 2231 -22.78 32.18 -33.15
N LEU A 2232 -21.83 33.08 -33.38
CA LEU A 2232 -20.45 32.82 -32.96
C LEU A 2232 -20.33 32.85 -31.44
N TRP A 2233 -20.95 33.84 -30.80
CA TRP A 2233 -20.88 33.93 -29.35
C TRP A 2233 -21.64 32.79 -28.70
N LEU A 2234 -22.77 32.41 -29.28
CA LEU A 2234 -23.51 31.29 -28.70
C LEU A 2234 -22.76 29.98 -28.94
N LEU A 2235 -21.93 29.92 -29.98
CA LEU A 2235 -21.10 28.73 -30.19
C LEU A 2235 -20.00 28.64 -29.15
N TYR A 2236 -19.37 29.77 -28.83
CA TYR A 2236 -18.38 29.75 -27.75
C TYR A 2236 -19.02 29.36 -26.42
N GLN A 2237 -20.26 29.81 -26.19
CA GLN A 2237 -20.93 29.44 -24.95
C GLN A 2237 -21.28 27.97 -24.92
N GLU A 2238 -21.64 27.42 -26.08
CA GLU A 2238 -22.00 26.01 -26.11
C GLU A 2238 -20.77 25.11 -25.98
N VAL A 2239 -19.65 25.53 -26.56
CA VAL A 2239 -18.43 24.72 -26.46
C VAL A 2239 -17.95 24.68 -25.01
N TYR A 2240 -17.93 25.85 -24.34
CA TYR A 2240 -17.50 25.81 -22.94
C TYR A 2240 -18.53 25.13 -22.06
N CYS A 2241 -19.80 25.17 -22.44
CA CYS A 2241 -20.81 24.51 -21.62
C CYS A 2241 -20.73 22.99 -21.76
N GLN A 2242 -20.31 22.49 -22.92
CA GLN A 2242 -20.34 21.04 -23.10
C GLN A 2242 -19.02 20.36 -22.77
N PHE A 2243 -17.90 20.86 -23.29
CA PHE A 2243 -16.66 20.10 -23.15
C PHE A 2243 -15.90 20.37 -21.87
N SER A 2244 -16.35 21.30 -21.03
CA SER A 2244 -15.61 21.58 -19.81
C SER A 2244 -15.76 20.51 -18.75
N THR A 2245 -16.87 19.77 -18.78
CA THR A 2245 -17.13 18.77 -17.74
C THR A 2245 -16.13 17.62 -17.78
N ALA A 2246 -15.53 17.34 -18.93
CA ALA A 2246 -14.59 16.23 -19.06
C ALA A 2246 -13.16 16.61 -18.73
N LEU A 2247 -12.91 17.83 -18.25
CA LEU A 2247 -11.57 18.28 -17.95
C LEU A 2247 -11.45 18.68 -16.48
N ASP A 2248 -10.24 18.64 -15.96
CA ASP A 2248 -10.04 19.03 -14.56
C ASP A 2248 -9.89 20.54 -14.45
N LYS A 2249 -9.86 21.03 -13.20
CA LYS A 2249 -9.92 22.46 -12.90
C LYS A 2249 -8.82 23.27 -13.60
N LYS A 2250 -7.61 22.73 -13.66
CA LYS A 2250 -6.49 23.43 -14.29
C LYS A 2250 -6.74 23.59 -15.78
N PHE A 2251 -7.14 22.52 -16.44
CA PHE A 2251 -7.42 22.62 -17.87
C PHE A 2251 -8.75 23.33 -18.13
N LYS A 2252 -9.62 23.39 -17.13
CA LYS A 2252 -10.83 24.22 -17.26
C LYS A 2252 -10.46 25.68 -17.36
N MET A 2253 -9.56 26.15 -16.49
CA MET A 2253 -9.18 27.54 -16.55
C MET A 2253 -8.33 27.84 -17.77
N ILE A 2254 -7.56 26.86 -18.24
CA ILE A 2254 -6.79 27.06 -19.47
C ILE A 2254 -7.72 27.21 -20.67
N MET A 2255 -8.73 26.35 -20.78
CA MET A 2255 -9.65 26.44 -21.89
C MET A 2255 -10.48 27.72 -21.82
N ALA A 2256 -10.83 28.16 -20.61
CA ALA A 2256 -11.63 29.37 -20.49
C ALA A 2256 -10.85 30.60 -20.94
N MET A 2257 -9.59 30.71 -20.50
CA MET A 2257 -8.82 31.89 -20.90
C MET A 2257 -8.47 31.84 -22.39
N THR A 2258 -8.21 30.65 -22.91
CA THR A 2258 -7.83 30.52 -24.31
C THR A 2258 -9.00 30.86 -25.23
N MET A 2259 -10.20 30.33 -24.92
CA MET A 2259 -11.34 30.65 -25.76
C MET A 2259 -11.74 32.11 -25.64
N PHE A 2260 -11.60 32.72 -24.45
CA PHE A 2260 -11.88 34.14 -24.36
C PHE A 2260 -10.91 34.95 -25.20
N CYS A 2261 -9.67 34.49 -25.30
CA CYS A 2261 -8.71 35.18 -26.17
C CYS A 2261 -9.06 34.98 -27.64
N LEU A 2262 -9.46 33.75 -28.02
CA LEU A 2262 -9.84 33.49 -29.40
C LEU A 2262 -11.07 34.25 -29.82
N TYR A 2263 -11.94 34.60 -28.87
CA TYR A 2263 -13.09 35.39 -29.27
C TYR A 2263 -12.74 36.87 -29.35
N LYS A 2264 -12.06 37.40 -28.32
CA LYS A 2264 -11.86 38.83 -28.27
C LYS A 2264 -10.77 39.34 -29.20
N PHE A 2265 -9.84 38.50 -29.63
CA PHE A 2265 -8.76 39.01 -30.47
C PHE A 2265 -9.24 39.36 -31.87
N ASP A 2266 -10.23 38.63 -32.40
CA ASP A 2266 -10.68 38.89 -33.75
C ASP A 2266 -11.70 40.02 -33.83
N ILE A 2267 -12.50 40.21 -32.79
CA ILE A 2267 -13.54 41.23 -32.85
C ILE A 2267 -12.98 42.61 -32.52
N GLU A 2268 -12.31 42.75 -31.37
CA GLU A 2268 -11.78 44.03 -30.95
C GLU A 2268 -10.47 44.36 -31.65
N SER A 2269 -9.94 45.54 -31.35
CA SER A 2269 -8.75 46.08 -32.00
C SER A 2269 -7.48 45.49 -31.39
N GLU A 2270 -6.34 45.99 -31.86
CA GLU A 2270 -5.05 45.50 -31.41
C GLU A 2270 -4.71 45.97 -29.99
N GLN A 2271 -5.21 47.15 -29.59
CA GLN A 2271 -4.92 47.67 -28.26
C GLN A 2271 -5.47 46.76 -27.18
N TYR A 2272 -6.62 46.15 -27.44
CA TYR A 2272 -7.23 45.22 -26.51
C TYR A 2272 -6.38 43.97 -26.39
N LYS A 2273 -5.82 43.54 -27.53
CA LYS A 2273 -4.98 42.36 -27.57
C LYS A 2273 -3.68 42.61 -26.81
N GLU A 2274 -3.08 43.78 -26.99
CA GLU A 2274 -1.84 44.07 -26.31
C GLU A 2274 -2.03 44.20 -24.80
N ALA A 2275 -3.17 44.76 -24.37
CA ALA A 2275 -3.37 44.90 -22.93
C ALA A 2275 -3.66 43.56 -22.28
N VAL A 2276 -4.45 42.71 -22.95
CA VAL A 2276 -4.76 41.41 -22.34
C VAL A 2276 -3.54 40.51 -22.40
N LEU A 2277 -2.76 40.59 -23.50
CA LEU A 2277 -1.56 39.79 -23.62
C LEU A 2277 -0.50 40.20 -22.60
N THR A 2278 -0.37 41.50 -22.32
CA THR A 2278 0.62 41.87 -21.32
C THR A 2278 0.12 41.54 -19.92
N MET A 2279 -1.20 41.48 -19.70
CA MET A 2279 -1.63 41.08 -18.37
C MET A 2279 -1.48 39.57 -18.18
N ILE A 2280 -1.72 38.78 -19.21
CA ILE A 2280 -1.40 37.36 -19.15
C ILE A 2280 0.10 37.14 -18.97
N GLY A 2281 0.92 37.99 -19.57
CA GLY A 2281 2.34 37.89 -19.33
C GLY A 2281 2.78 38.38 -17.96
N VAL A 2282 1.90 39.08 -17.24
CA VAL A 2282 2.19 39.39 -15.85
C VAL A 2282 1.73 38.25 -14.95
N LEU A 2283 0.63 37.56 -15.31
CA LEU A 2283 0.27 36.32 -14.62
C LEU A 2283 1.37 35.28 -14.76
N SER A 2284 1.89 35.11 -15.97
CA SER A 2284 3.11 34.34 -16.15
C SER A 2284 4.30 35.23 -15.80
N GLU A 2285 5.49 34.78 -16.18
CA GLU A 2285 6.70 35.56 -15.90
C GLU A 2285 7.46 35.81 -17.20
N SER A 2286 6.74 35.85 -18.31
CA SER A 2286 7.38 36.11 -19.58
C SER A 2286 7.81 37.57 -19.69
N SER A 2287 6.85 38.49 -19.68
CA SER A 2287 7.14 39.91 -19.86
C SER A 2287 6.24 40.70 -18.95
N ASP A 2288 6.83 41.52 -18.09
CA ASP A 2288 6.07 42.34 -17.17
C ASP A 2288 6.16 43.79 -17.60
N GLY A 2289 5.03 44.35 -17.98
CA GLY A 2289 4.96 45.75 -18.35
C GLY A 2289 3.69 46.33 -17.81
N VAL A 2290 3.70 47.65 -17.59
CA VAL A 2290 2.48 48.31 -17.13
C VAL A 2290 2.07 49.40 -18.13
N PRO A 2291 1.42 49.03 -19.23
CA PRO A 2291 1.00 50.01 -20.22
C PRO A 2291 -0.22 50.78 -19.72
N LYS A 2292 -0.65 51.75 -20.55
CA LYS A 2292 -1.90 52.43 -20.28
C LYS A 2292 -3.00 51.38 -20.46
N LEU A 2293 -4.06 51.46 -19.66
CA LEU A 2293 -5.08 50.42 -19.71
C LEU A 2293 -5.75 50.37 -21.08
N THR A 2294 -6.13 51.54 -21.62
CA THR A 2294 -6.73 51.90 -22.92
C THR A 2294 -7.37 53.23 -22.56
N VAL A 2295 -8.22 53.80 -23.43
CA VAL A 2295 -8.89 55.06 -23.13
C VAL A 2295 -10.38 54.74 -23.06
N ASP A 2296 -10.99 55.09 -21.91
CA ASP A 2296 -12.40 54.86 -21.61
C ASP A 2296 -12.80 53.39 -21.71
N THR A 2297 -11.85 52.48 -21.43
CA THR A 2297 -12.10 51.04 -21.41
C THR A 2297 -12.08 50.55 -19.96
N ASN A 2298 -12.05 51.49 -19.01
CA ASN A 2298 -11.96 51.17 -17.59
C ASN A 2298 -13.11 50.29 -17.12
N ASP A 2299 -14.32 50.53 -17.66
CA ASP A 2299 -15.45 49.67 -17.33
C ASP A 2299 -15.22 48.24 -17.83
N ASP A 2300 -14.73 48.12 -19.07
CA ASP A 2300 -14.50 46.81 -19.68
C ASP A 2300 -13.38 46.05 -18.96
N LEU A 2301 -12.37 46.76 -18.47
CA LEU A 2301 -11.19 46.14 -17.90
C LEU A 2301 -10.84 46.80 -16.57
N ARG A 2302 -9.55 46.97 -16.29
CA ARG A 2302 -8.98 47.46 -15.04
C ARG A 2302 -9.31 46.58 -13.83
N TYR A 2303 -10.11 45.53 -14.04
CA TYR A 2303 -10.47 44.61 -12.98
C TYR A 2303 -9.42 43.52 -12.85
N LEU A 2304 -8.92 43.03 -14.00
CA LEU A 2304 -7.80 42.11 -13.97
C LEU A 2304 -6.53 42.79 -13.52
N TRP A 2305 -6.37 44.08 -13.82
CA TRP A 2305 -5.21 44.79 -13.30
C TRP A 2305 -5.33 44.96 -11.80
N ASP A 2306 -6.55 45.20 -11.31
CA ASP A 2306 -6.77 45.28 -9.88
C ASP A 2306 -6.51 43.94 -9.19
N TYR A 2307 -6.82 42.83 -9.85
CA TYR A 2307 -6.48 41.54 -9.24
C TYR A 2307 -4.99 41.24 -9.35
N VAL A 2308 -4.33 41.79 -10.37
CA VAL A 2308 -2.90 41.58 -10.55
C VAL A 2308 -2.09 42.35 -9.50
N THR A 2309 -2.43 43.61 -9.28
CA THR A 2309 -1.65 44.42 -8.35
C THR A 2309 -1.78 43.94 -6.91
N THR A 2310 -2.86 43.24 -6.57
CA THR A 2310 -3.01 42.67 -5.24
C THR A 2310 -2.41 41.29 -5.15
N LYS A 2311 -1.89 40.77 -6.26
CA LYS A 2311 -1.28 39.44 -6.36
C LYS A 2311 -2.26 38.36 -5.93
N SER A 2312 -3.50 38.48 -6.37
CA SER A 2312 -4.55 37.51 -6.09
C SER A 2312 -4.81 36.76 -7.38
N TYR A 2313 -4.77 35.43 -7.31
CA TYR A 2313 -4.79 34.63 -8.53
C TYR A 2313 -6.10 33.91 -8.79
N ILE A 2314 -6.89 33.60 -7.76
CA ILE A 2314 -8.11 32.85 -7.99
C ILE A 2314 -9.17 33.73 -8.65
N SER A 2315 -9.29 34.98 -8.21
CA SER A 2315 -10.26 35.88 -8.82
C SER A 2315 -9.83 36.27 -10.22
N ALA A 2316 -8.54 36.44 -10.44
CA ALA A 2316 -8.05 36.84 -11.76
C ALA A 2316 -8.22 35.70 -12.76
N LEU A 2317 -8.06 34.46 -12.31
CA LEU A 2317 -8.26 33.35 -13.21
C LEU A 2317 -9.73 33.06 -13.44
N ASN A 2318 -10.59 33.36 -12.46
CA ASN A 2318 -12.01 33.14 -12.62
C ASN A 2318 -12.74 34.27 -13.32
N TRP A 2319 -12.09 35.41 -13.55
CA TRP A 2319 -12.77 36.49 -14.28
C TRP A 2319 -13.07 36.08 -15.71
N PHE A 2320 -12.18 35.30 -16.32
CA PHE A 2320 -12.42 34.80 -17.66
C PHE A 2320 -13.59 33.83 -17.70
N LYS A 2321 -13.85 33.13 -16.61
CA LYS A 2321 -15.01 32.25 -16.54
C LYS A 2321 -16.28 33.05 -16.31
N ASN A 2322 -16.19 34.10 -15.48
CA ASN A 2322 -17.37 34.92 -15.22
C ASN A 2322 -17.78 35.73 -16.44
N GLU A 2323 -16.85 35.97 -17.37
CA GLU A 2323 -17.20 36.68 -18.59
C GLU A 2323 -18.13 35.84 -19.47
N PHE A 2324 -18.01 34.52 -19.43
CA PHE A 2324 -18.87 33.67 -20.26
C PHE A 2324 -20.35 33.79 -19.91
N PHE A 2325 -20.67 34.02 -18.63
CA PHE A 2325 -22.04 34.05 -18.12
C PHE A 2325 -22.76 32.74 -18.46
N VAL A 2326 -22.17 31.65 -18.02
CA VAL A 2326 -22.68 30.31 -18.30
C VAL A 2326 -22.83 29.55 -16.99
N ASP A 2327 -24.02 29.01 -16.75
CA ASP A 2327 -24.23 28.14 -15.61
C ASP A 2327 -23.38 26.89 -15.76
N GLU A 2328 -22.40 26.72 -14.87
CA GLU A 2328 -21.47 25.60 -14.93
C GLU A 2328 -22.19 24.27 -14.76
N TRP A 2329 -22.13 23.43 -15.78
CA TRP A 2329 -22.89 22.19 -15.80
C TRP A 2329 -22.36 21.19 -14.76
N ASN A 2330 -23.23 20.81 -13.83
CA ASN A 2330 -22.96 19.75 -12.88
C ASN A 2330 -23.04 18.40 -13.57
N ILE A 2331 -22.50 17.38 -12.89
CA ILE A 2331 -22.54 16.01 -13.40
C ILE A 2331 -23.98 15.53 -13.57
N ALA A 2332 -24.88 16.02 -12.72
CA ALA A 2332 -26.30 15.69 -12.89
C ALA A 2332 -26.83 16.28 -14.19
N ASP A 2333 -26.35 17.47 -14.55
CA ASP A 2333 -26.84 18.10 -15.78
C ASP A 2333 -26.35 17.37 -17.02
N VAL A 2334 -25.12 16.88 -17.01
CA VAL A 2334 -24.63 16.17 -18.19
C VAL A 2334 -25.28 14.79 -18.29
N VAL A 2335 -25.47 14.09 -17.17
CA VAL A 2335 -26.11 12.78 -17.26
C VAL A 2335 -27.58 12.91 -17.66
N ALA A 2336 -28.28 13.95 -17.17
CA ALA A 2336 -29.67 14.15 -17.55
C ALA A 2336 -29.80 14.61 -19.00
N ASN A 2337 -28.94 15.54 -19.42
CA ASN A 2337 -29.07 16.13 -20.75
C ASN A 2337 -28.66 15.16 -21.85
N SER A 2338 -27.48 14.56 -21.72
CA SER A 2338 -26.98 13.66 -22.75
C SER A 2338 -27.79 12.38 -22.79
N GLU A 2339 -27.86 11.78 -23.97
CA GLU A 2339 -28.60 10.54 -24.18
C GLU A 2339 -27.59 9.48 -24.59
N ASN A 2340 -27.01 8.84 -23.59
CA ASN A 2340 -26.03 7.79 -23.77
C ASN A 2340 -26.14 6.84 -22.59
N ASN A 2341 -25.61 5.64 -22.73
CA ASN A 2341 -25.71 4.66 -21.66
C ASN A 2341 -24.40 4.39 -20.94
N TYR A 2342 -23.28 4.93 -21.40
CA TYR A 2342 -22.00 4.64 -20.77
C TYR A 2342 -21.30 5.93 -20.37
N PHE A 2343 -20.81 5.97 -19.14
CA PHE A 2343 -20.14 7.14 -18.60
C PHE A 2343 -18.98 6.66 -17.75
N THR A 2344 -17.85 7.34 -17.88
CA THR A 2344 -16.67 7.03 -17.08
C THR A 2344 -16.22 8.31 -16.39
N MET A 2345 -16.22 8.32 -15.07
CA MET A 2345 -15.77 9.49 -14.33
C MET A 2345 -14.46 9.13 -13.64
N ALA A 2346 -13.37 9.57 -14.23
CA ALA A 2346 -12.07 9.33 -13.64
C ALA A 2346 -11.72 10.44 -12.66
N SER A 2347 -10.95 10.10 -11.64
CA SER A 2347 -10.59 11.06 -10.61
C SER A 2347 -9.33 10.59 -9.92
N GLU A 2348 -8.75 11.48 -9.12
CA GLU A 2348 -7.57 11.13 -8.35
C GLU A 2348 -7.96 10.17 -7.23
N ARG A 2349 -6.95 9.61 -6.58
CA ARG A 2349 -7.22 8.69 -5.48
C ARG A 2349 -7.72 9.39 -4.22
N ASP A 2350 -7.73 10.72 -4.21
CA ASP A 2350 -8.19 11.46 -3.04
C ASP A 2350 -9.68 11.26 -2.78
N VAL A 2351 -10.51 11.25 -3.83
CA VAL A 2351 -11.95 11.15 -3.67
C VAL A 2351 -12.49 10.00 -4.53
N ASP A 2352 -13.79 9.76 -4.38
CA ASP A 2352 -14.52 8.72 -5.10
C ASP A 2352 -15.88 9.24 -5.50
N GLY A 2353 -16.27 9.01 -6.75
CA GLY A 2353 -17.56 9.46 -7.23
C GLY A 2353 -18.76 8.61 -6.88
N THR A 2354 -18.61 7.63 -5.98
CA THR A 2354 -19.75 6.77 -5.64
C THR A 2354 -20.80 7.54 -4.85
N PHE A 2355 -20.37 8.33 -3.86
CA PHE A 2355 -21.29 9.07 -3.02
C PHE A 2355 -22.09 10.10 -3.81
N LYS A 2356 -21.52 10.62 -4.90
CA LYS A 2356 -22.30 11.51 -5.75
C LYS A 2356 -23.37 10.73 -6.48
N LEU A 2357 -23.07 9.50 -6.87
CA LEU A 2357 -24.07 8.72 -7.57
C LEU A 2357 -25.17 8.28 -6.63
N ILE A 2358 -24.85 8.12 -5.34
CA ILE A 2358 -25.87 7.73 -4.36
C ILE A 2358 -26.99 8.76 -4.34
N GLU A 2359 -26.61 10.04 -4.30
CA GLU A 2359 -27.64 11.08 -4.24
C GLU A 2359 -28.24 11.32 -5.61
N LEU A 2360 -27.46 11.14 -6.68
CA LEU A 2360 -27.98 11.49 -7.99
C LEU A 2360 -28.97 10.41 -8.45
N ALA A 2361 -28.62 9.14 -8.26
CA ALA A 2361 -29.54 8.06 -8.56
C ALA A 2361 -30.74 8.05 -7.63
N LYS A 2362 -30.57 8.46 -6.36
CA LYS A 2362 -31.76 8.57 -5.53
C LYS A 2362 -32.65 9.73 -5.97
N ALA A 2363 -32.06 10.84 -6.43
CA ALA A 2363 -32.85 11.96 -6.94
C ALA A 2363 -33.54 11.61 -8.25
N SER A 2364 -32.93 10.77 -9.08
CA SER A 2364 -33.57 10.28 -10.29
C SER A 2364 -34.49 9.10 -10.03
N LYS A 2365 -34.49 8.55 -8.82
CA LYS A 2365 -35.35 7.44 -8.41
C LYS A 2365 -35.12 6.21 -9.30
N GLU A 2366 -33.86 5.84 -9.46
CA GLU A 2366 -33.48 4.62 -10.16
C GLU A 2366 -33.07 3.56 -9.13
N SER A 2367 -31.95 2.88 -9.28
CA SER A 2367 -31.27 2.17 -8.19
C SER A 2367 -29.78 2.33 -8.46
N LEU A 2368 -28.94 1.65 -7.68
CA LEU A 2368 -27.50 1.81 -7.90
C LEU A 2368 -26.73 0.56 -7.50
N LYS A 2369 -26.57 -0.36 -8.44
CA LYS A 2369 -25.77 -1.53 -8.15
C LYS A 2369 -24.33 -1.09 -7.97
N ILE A 2370 -23.62 -1.69 -7.02
CA ILE A 2370 -22.18 -1.48 -6.89
C ILE A 2370 -21.50 -2.84 -7.04
N ILE A 2371 -21.15 -3.19 -8.27
CA ILE A 2371 -20.46 -4.44 -8.59
C ILE A 2371 -18.95 -4.26 -8.48
N PRO A 2372 -18.29 -4.72 -7.42
CA PRO A 2372 -16.83 -4.55 -7.32
C PRO A 2372 -16.09 -5.53 -8.22
N LEU A 2373 -15.07 -5.02 -8.91
CA LEU A 2373 -14.25 -5.83 -9.81
C LEU A 2373 -13.08 -6.38 -9.00
N GLY A 2374 -13.23 -7.60 -8.49
CA GLY A 2374 -12.20 -8.21 -7.68
C GLY A 2374 -11.49 -9.39 -8.30
N SER A 2375 -11.87 -10.60 -7.91
CA SER A 2375 -11.24 -11.82 -8.38
C SER A 2375 -12.06 -12.43 -9.53
N ILE A 2376 -11.68 -13.65 -9.92
CA ILE A 2376 -12.35 -14.33 -11.03
C ILE A 2376 -13.82 -14.58 -10.71
N GLU A 2377 -14.13 -14.91 -9.46
CA GLU A 2377 -15.53 -15.05 -9.05
C GLU A 2377 -16.25 -13.71 -9.14
N ASN A 2378 -15.55 -12.62 -8.79
CA ASN A 2378 -16.14 -11.30 -8.93
C ASN A 2378 -16.38 -10.96 -10.39
N LEU A 2379 -15.48 -11.40 -11.27
CA LEU A 2379 -15.66 -11.16 -12.70
C LEU A 2379 -16.86 -11.92 -13.25
N ASN A 2380 -17.04 -13.18 -12.81
CA ASN A 2380 -18.18 -13.95 -13.28
C ASN A 2380 -19.49 -13.36 -12.77
N TYR A 2381 -19.50 -12.91 -11.51
CA TYR A 2381 -20.71 -12.30 -10.97
C TYR A 2381 -20.97 -10.95 -11.63
N ALA A 2382 -19.89 -10.27 -12.05
CA ALA A 2382 -20.01 -8.98 -12.72
C ALA A 2382 -20.64 -9.15 -14.09
N GLN A 2383 -20.12 -10.07 -14.90
CA GLN A 2383 -20.68 -10.26 -16.24
C GLN A 2383 -22.11 -10.81 -16.16
N GLU A 2384 -22.43 -11.58 -15.11
CA GLU A 2384 -23.80 -12.06 -14.98
C GLU A 2384 -24.73 -10.91 -14.63
N GLU A 2385 -24.32 -10.05 -13.71
CA GLU A 2385 -25.16 -8.93 -13.32
C GLU A 2385 -25.27 -7.91 -14.44
N ILE A 2386 -24.25 -7.79 -15.28
CA ILE A 2386 -24.33 -6.88 -16.43
C ILE A 2386 -25.33 -7.40 -17.44
N SER A 2387 -25.23 -8.70 -17.78
CA SER A 2387 -26.10 -9.28 -18.79
C SER A 2387 -27.53 -9.39 -18.31
N LYS A 2388 -27.77 -9.33 -17.00
CA LYS A 2388 -29.17 -9.30 -16.58
C LYS A 2388 -29.67 -7.88 -16.38
N SER A 2389 -28.84 -7.00 -15.80
CA SER A 2389 -29.23 -5.64 -15.50
C SER A 2389 -29.48 -4.80 -16.74
N LYS A 2390 -28.81 -5.09 -17.86
CA LYS A 2390 -29.14 -4.29 -19.04
C LYS A 2390 -30.54 -4.62 -19.54
N ILE A 2391 -30.97 -5.86 -19.40
CA ILE A 2391 -32.32 -6.23 -19.80
C ILE A 2391 -33.33 -5.68 -18.80
N GLU A 2392 -33.02 -5.76 -17.51
CA GLU A 2392 -33.95 -5.23 -16.51
C GLU A 2392 -33.97 -3.71 -16.53
N GLY A 2393 -32.84 -3.08 -16.79
CA GLY A 2393 -32.78 -1.63 -16.87
C GLY A 2393 -32.24 -0.88 -15.67
N GLY A 2394 -31.76 -1.58 -14.64
CA GLY A 2394 -31.24 -0.90 -13.47
C GLY A 2394 -29.82 -0.42 -13.67
N TRP A 2395 -29.49 0.70 -13.02
CA TRP A 2395 -28.16 1.27 -13.14
C TRP A 2395 -27.15 0.49 -12.31
N ILE A 2396 -25.93 0.36 -12.84
CA ILE A 2396 -24.86 -0.39 -12.20
C ILE A 2396 -23.60 0.46 -12.22
N LEU A 2397 -22.71 0.17 -11.28
CA LEU A 2397 -21.43 0.86 -11.17
C LEU A 2397 -20.32 -0.18 -11.13
N LEU A 2398 -19.21 0.13 -11.79
CA LEU A 2398 -18.04 -0.75 -11.85
C LEU A 2398 -16.88 -0.01 -11.20
N GLN A 2399 -16.61 -0.30 -9.94
CA GLN A 2399 -15.55 0.39 -9.22
C GLN A 2399 -14.19 -0.17 -9.61
N ASN A 2400 -13.24 0.74 -9.83
CA ASN A 2400 -11.84 0.40 -10.08
C ASN A 2400 -11.70 -0.53 -11.28
N ILE A 2401 -12.07 -0.01 -12.44
CA ILE A 2401 -12.00 -0.77 -13.68
C ILE A 2401 -10.56 -0.96 -14.13
N GLN A 2402 -9.65 -0.16 -13.58
CA GLN A 2402 -8.25 -0.19 -14.02
C GLN A 2402 -7.57 -1.51 -13.66
N MET A 2403 -7.90 -2.10 -12.51
CA MET A 2403 -7.22 -3.33 -12.13
C MET A 2403 -7.62 -4.53 -12.99
N SER A 2404 -8.85 -4.57 -13.48
CA SER A 2404 -9.29 -5.65 -14.36
C SER A 2404 -9.29 -5.23 -15.84
N LEU A 2405 -8.43 -4.28 -16.22
CA LEU A 2405 -8.39 -3.80 -17.59
C LEU A 2405 -8.07 -4.91 -18.58
N SER A 2406 -7.30 -5.91 -18.15
CA SER A 2406 -6.99 -7.04 -19.03
C SER A 2406 -8.26 -7.79 -19.38
N TRP A 2407 -9.16 -7.93 -18.42
CA TRP A 2407 -10.45 -8.55 -18.69
C TRP A 2407 -11.35 -7.61 -19.49
N VAL A 2408 -11.15 -6.31 -19.32
CA VAL A 2408 -11.95 -5.32 -20.02
C VAL A 2408 -11.70 -5.38 -21.52
N LYS A 2409 -10.43 -5.31 -21.94
CA LYS A 2409 -10.13 -5.35 -23.37
C LYS A 2409 -10.55 -6.64 -24.05
N THR A 2410 -10.70 -7.73 -23.32
CA THR A 2410 -11.13 -8.99 -23.91
C THR A 2410 -12.64 -9.07 -24.03
N TYR A 2411 -13.36 -8.69 -22.97
CA TYR A 2411 -14.79 -8.90 -22.88
C TYR A 2411 -15.59 -7.61 -22.90
N LEU A 2412 -15.23 -6.63 -22.07
CA LEU A 2412 -16.03 -5.42 -21.95
C LEU A 2412 -15.98 -4.56 -23.20
N HIS A 2413 -14.82 -4.55 -23.88
CA HIS A 2413 -14.64 -3.74 -25.09
C HIS A 2413 -15.63 -4.16 -26.17
N LYS A 2414 -15.60 -5.43 -26.56
CA LYS A 2414 -16.56 -5.95 -27.53
C LYS A 2414 -18.00 -5.80 -27.05
N HIS A 2415 -18.22 -5.88 -25.74
CA HIS A 2415 -19.57 -5.81 -25.20
C HIS A 2415 -20.18 -4.43 -25.40
N VAL A 2416 -19.48 -3.37 -24.99
CA VAL A 2416 -20.09 -2.04 -24.94
C VAL A 2416 -19.60 -1.12 -26.04
N GLU A 2417 -18.71 -1.57 -26.92
CA GLU A 2417 -18.20 -0.69 -27.97
C GLU A 2417 -19.26 -0.37 -28.99
N GLU A 2418 -19.98 -1.37 -29.47
CA GLU A 2418 -20.99 -1.20 -30.50
C GLU A 2418 -22.37 -1.00 -29.89
N THR A 2419 -23.07 0.04 -30.31
CA THR A 2419 -24.45 0.22 -29.90
C THR A 2419 -25.34 -0.83 -30.54
N LYS A 2420 -26.35 -1.30 -29.79
CA LYS A 2420 -27.20 -2.37 -30.30
C LYS A 2420 -28.52 -1.85 -30.85
N ALA A 2421 -29.34 -1.25 -29.99
CA ALA A 2421 -30.68 -0.78 -30.36
C ALA A 2421 -31.20 0.08 -29.22
N ALA A 2422 -32.43 0.58 -29.38
CA ALA A 2422 -33.07 1.41 -28.38
C ALA A 2422 -33.59 0.64 -27.17
N GLU A 2423 -33.54 -0.70 -27.19
CA GLU A 2423 -33.96 -1.49 -26.04
C GLU A 2423 -33.12 -1.17 -24.80
N GLU A 2424 -31.82 -1.00 -24.98
CA GLU A 2424 -30.95 -0.67 -23.87
C GLU A 2424 -30.83 0.83 -23.61
N HIS A 2425 -31.19 1.66 -24.59
CA HIS A 2425 -31.05 3.10 -24.44
C HIS A 2425 -32.16 3.68 -23.57
N GLU A 2426 -33.34 3.04 -23.59
CA GLU A 2426 -34.51 3.59 -22.91
C GLU A 2426 -34.40 3.45 -21.39
N LYS A 2427 -33.78 2.37 -20.91
CA LYS A 2427 -33.79 2.07 -19.49
C LYS A 2427 -32.39 2.04 -18.89
N PHE A 2428 -31.49 1.27 -19.49
CA PHE A 2428 -30.19 0.97 -18.91
C PHE A 2428 -29.21 2.13 -19.05
N LYS A 2429 -28.51 2.45 -17.96
CA LYS A 2429 -27.38 3.36 -17.97
C LYS A 2429 -26.29 2.80 -17.08
N MET A 2430 -25.05 2.83 -17.55
CA MET A 2430 -23.92 2.23 -16.85
C MET A 2430 -22.89 3.29 -16.52
N PHE A 2431 -22.24 3.14 -15.38
CA PHE A 2431 -21.20 4.06 -14.95
C PHE A 2431 -19.95 3.27 -14.62
N MET A 2432 -18.79 3.88 -14.88
CA MET A 2432 -17.51 3.25 -14.60
C MET A 2432 -16.63 4.23 -13.85
N THR A 2433 -15.93 3.73 -12.84
CA THR A 2433 -15.04 4.54 -12.03
C THR A 2433 -13.61 4.26 -12.43
N CYS A 2434 -12.90 5.29 -12.86
CA CYS A 2434 -11.52 5.19 -13.29
C CYS A 2434 -10.64 6.10 -12.44
N HIS A 2435 -9.33 6.00 -12.68
CA HIS A 2435 -8.35 6.82 -11.98
C HIS A 2435 -7.48 7.50 -13.03
N LEU A 2436 -7.23 8.80 -12.83
CA LEU A 2436 -6.41 9.53 -13.80
C LEU A 2436 -4.98 9.05 -13.77
N THR A 2437 -4.40 8.91 -12.58
CA THR A 2437 -3.03 8.42 -12.45
C THR A 2437 -3.07 6.91 -12.44
N GLY A 2438 -2.53 6.29 -13.49
CA GLY A 2438 -2.49 4.85 -13.57
C GLY A 2438 -2.38 4.39 -15.01
N ASP A 2439 -2.75 3.13 -15.22
CA ASP A 2439 -2.68 2.52 -16.54
C ASP A 2439 -3.68 3.14 -17.50
N LYS A 2440 -3.37 3.05 -18.78
CA LYS A 2440 -4.17 3.65 -19.83
C LYS A 2440 -5.28 2.71 -20.28
N LEU A 2441 -6.49 3.24 -20.38
CA LEU A 2441 -7.63 2.47 -20.85
C LEU A 2441 -7.63 2.42 -22.37
N PRO A 2442 -8.26 1.40 -22.97
CA PRO A 2442 -8.28 1.30 -24.44
C PRO A 2442 -8.97 2.49 -25.10
N ALA A 2443 -8.43 2.88 -26.26
CA ALA A 2443 -8.92 4.08 -26.94
C ALA A 2443 -10.33 3.93 -27.51
N PRO A 2444 -10.71 2.86 -28.22
CA PRO A 2444 -12.10 2.79 -28.71
C PRO A 2444 -13.14 2.71 -27.61
N LEU A 2445 -12.84 2.03 -26.50
CA LEU A 2445 -13.79 1.98 -25.41
C LEU A 2445 -13.92 3.33 -24.73
N LEU A 2446 -12.81 4.07 -24.62
CA LEU A 2446 -12.88 5.36 -23.95
C LEU A 2446 -13.54 6.41 -24.85
N GLN A 2447 -13.34 6.31 -26.16
CA GLN A 2447 -13.98 7.26 -27.08
C GLN A 2447 -15.47 6.97 -27.20
N ARG A 2448 -15.86 5.70 -27.09
CA ARG A 2448 -17.27 5.35 -27.16
C ARG A 2448 -18.07 5.92 -25.99
N THR A 2449 -17.51 5.92 -24.80
CA THR A 2449 -18.23 6.34 -23.61
C THR A 2449 -18.03 7.83 -23.31
N ASP A 2450 -19.03 8.41 -22.65
CA ASP A 2450 -18.89 9.79 -22.22
C ASP A 2450 -17.93 9.88 -21.03
N ARG A 2451 -17.29 11.04 -20.88
CA ARG A 2451 -16.24 11.21 -19.88
C ARG A 2451 -16.61 12.33 -18.92
N VAL A 2452 -16.43 12.08 -17.62
CA VAL A 2452 -16.60 13.08 -16.57
C VAL A 2452 -15.43 12.91 -15.59
N VAL A 2453 -15.09 14.00 -14.88
CA VAL A 2453 -14.07 13.98 -13.85
C VAL A 2453 -14.64 14.58 -12.56
N TYR A 2454 -14.91 13.74 -11.58
CA TYR A 2454 -15.37 14.19 -10.27
C TYR A 2454 -14.22 14.85 -9.51
N GLU A 2455 -14.25 16.16 -9.35
CA GLU A 2455 -13.17 16.90 -8.74
C GLU A 2455 -13.62 17.73 -7.54
N ASP A 2456 -14.57 17.22 -6.77
CA ASP A 2456 -15.08 17.94 -5.60
C ASP A 2456 -14.30 17.52 -4.37
N ILE A 2457 -13.56 18.46 -3.79
CA ILE A 2457 -12.70 18.20 -2.63
C ILE A 2457 -13.43 18.70 -1.38
N PRO A 2458 -13.68 17.82 -0.41
CA PRO A 2458 -14.35 18.26 0.82
C PRO A 2458 -13.39 18.96 1.78
N GLY A 2459 -13.97 19.68 2.73
CA GLY A 2459 -13.21 20.42 3.72
C GLY A 2459 -12.62 19.53 4.80
N ILE A 2460 -11.76 20.15 5.62
CA ILE A 2460 -11.11 19.43 6.72
C ILE A 2460 -12.13 19.01 7.76
N LEU A 2461 -12.98 19.94 8.19
CA LEU A 2461 -14.00 19.62 9.18
C LEU A 2461 -15.03 18.65 8.63
N ASP A 2462 -15.30 18.73 7.33
CA ASP A 2462 -16.23 17.79 6.71
C ASP A 2462 -15.63 16.39 6.68
N THR A 2463 -14.33 16.28 6.42
CA THR A 2463 -13.69 14.97 6.47
C THR A 2463 -13.62 14.44 7.89
N VAL A 2464 -13.52 15.32 8.88
CA VAL A 2464 -13.54 14.87 10.27
C VAL A 2464 -14.90 14.30 10.62
N LYS A 2465 -15.98 14.98 10.20
CA LYS A 2465 -17.31 14.46 10.48
C LYS A 2465 -17.58 13.18 9.70
N ASP A 2466 -17.00 13.04 8.49
CA ASP A 2466 -17.21 11.83 7.71
C ASP A 2466 -16.48 10.65 8.32
N LEU A 2467 -15.29 10.87 8.87
CA LEU A 2467 -14.60 9.75 9.50
C LEU A 2467 -15.20 9.42 10.85
N TRP A 2468 -15.65 10.43 11.59
CA TRP A 2468 -16.26 10.17 12.89
C TRP A 2468 -17.62 9.50 12.77
N GLY A 2469 -18.35 9.77 11.69
CA GLY A 2469 -19.67 9.17 11.53
C GLY A 2469 -19.64 7.68 11.28
N SER A 2470 -18.56 7.20 10.64
CA SER A 2470 -18.48 5.77 10.32
C SER A 2470 -18.16 4.91 11.54
N GLN A 2471 -17.77 5.50 12.66
CA GLN A 2471 -17.28 4.72 13.79
C GLN A 2471 -18.39 4.05 14.59
N PHE A 2472 -19.57 4.66 14.69
CA PHE A 2472 -20.59 4.11 15.57
C PHE A 2472 -21.49 3.11 14.87
N PHE A 2473 -21.22 2.81 13.59
CA PHE A 2473 -21.96 1.76 12.92
C PHE A 2473 -21.60 0.40 13.50
N THR A 2474 -20.32 0.06 13.45
CA THR A 2474 -19.87 -1.21 14.01
C THR A 2474 -19.89 -1.16 15.53
N GLY A 2475 -19.52 -0.03 16.12
CA GLY A 2475 -19.53 0.11 17.55
C GLY A 2475 -18.14 -0.06 18.14
N LYS A 2476 -17.97 0.44 19.37
CA LYS A 2476 -16.73 0.32 20.10
C LYS A 2476 -17.00 -0.40 21.41
N ILE A 2477 -16.26 -1.49 21.65
CA ILE A 2477 -16.48 -2.34 22.81
C ILE A 2477 -15.30 -2.39 23.76
N SER A 2478 -14.17 -1.78 23.40
CA SER A 2478 -12.97 -1.89 24.24
C SER A 2478 -13.11 -1.05 25.51
N GLY A 2479 -13.33 0.24 25.35
CA GLY A 2479 -13.40 1.12 26.51
C GLY A 2479 -13.69 2.53 26.06
N VAL A 2480 -13.78 3.42 27.04
CA VAL A 2480 -14.12 4.80 26.74
C VAL A 2480 -12.90 5.53 26.18
N TRP A 2481 -11.70 5.09 26.53
CA TRP A 2481 -10.51 5.76 26.02
C TRP A 2481 -10.32 5.48 24.54
N SER A 2482 -10.83 4.35 24.04
CA SER A 2482 -10.71 4.04 22.63
C SER A 2482 -11.52 5.00 21.77
N VAL A 2483 -12.63 5.51 22.31
CA VAL A 2483 -13.41 6.53 21.61
C VAL A 2483 -12.57 7.79 21.43
N TYR A 2484 -11.84 8.17 22.47
CA TYR A 2484 -10.99 9.36 22.41
C TYR A 2484 -9.82 9.15 21.46
N CYS A 2485 -9.24 7.95 21.47
CA CYS A 2485 -8.15 7.65 20.56
C CYS A 2485 -8.62 7.64 19.11
N THR A 2486 -9.85 7.16 18.87
CA THR A 2486 -10.38 7.17 17.52
C THR A 2486 -10.67 8.60 17.06
N PHE A 2487 -11.11 9.46 17.98
CA PHE A 2487 -11.34 10.86 17.64
C PHE A 2487 -10.03 11.55 17.27
N LEU A 2488 -8.96 11.23 18.01
CA LEU A 2488 -7.66 11.80 17.68
C LEU A 2488 -7.12 11.25 16.37
N LEU A 2489 -7.38 9.97 16.09
CA LEU A 2489 -6.94 9.40 14.82
C LEU A 2489 -7.69 9.99 13.65
N SER A 2490 -8.97 10.33 13.84
CA SER A 2490 -9.72 10.98 12.76
C SER A 2490 -9.17 12.36 12.47
N TRP A 2491 -8.83 13.12 13.51
CA TRP A 2491 -8.22 14.43 13.25
C TRP A 2491 -6.86 14.30 12.59
N PHE A 2492 -6.07 13.31 13.01
CA PHE A 2492 -4.74 13.10 12.41
C PHE A 2492 -4.84 12.72 10.94
N HIS A 2493 -5.80 11.86 10.60
CA HIS A 2493 -5.95 11.43 9.23
C HIS A 2493 -6.44 12.58 8.36
N ALA A 2494 -7.33 13.41 8.90
CA ALA A 2494 -7.82 14.53 8.12
C ALA A 2494 -6.74 15.59 7.93
N LEU A 2495 -5.83 15.73 8.88
CA LEU A 2495 -4.79 16.74 8.70
C LEU A 2495 -3.71 16.27 7.74
N ILE A 2496 -3.37 14.97 7.76
CA ILE A 2496 -2.42 14.48 6.75
C ILE A 2496 -3.03 14.54 5.36
N THR A 2497 -4.30 14.15 5.22
CA THR A 2497 -4.94 14.23 3.92
C THR A 2497 -5.06 15.68 3.45
N ALA A 2498 -5.22 16.63 4.39
CA ALA A 2498 -5.27 18.03 4.00
C ALA A 2498 -3.89 18.53 3.53
N ARG A 2499 -2.82 18.04 4.15
CA ARG A 2499 -1.48 18.47 3.73
C ARG A 2499 -1.02 17.75 2.47
N THR A 2500 -1.66 16.65 2.12
CA THR A 2500 -1.27 15.88 0.94
C THR A 2500 -1.43 16.66 -0.36
N ARG A 2501 -2.51 17.43 -0.49
CA ARG A 2501 -2.82 18.10 -1.74
C ARG A 2501 -1.80 19.17 -2.12
N LEU A 2502 -1.21 19.81 -1.13
CA LEU A 2502 -0.21 20.86 -1.35
C LEU A 2502 1.13 20.23 -1.70
N VAL A 2503 1.40 20.09 -2.99
CA VAL A 2503 2.60 19.40 -3.45
C VAL A 2503 3.86 20.25 -3.33
N PRO A 2504 3.95 21.52 -3.79
CA PRO A 2504 5.23 22.23 -3.62
C PRO A 2504 5.58 22.54 -2.17
N HIS A 2505 4.58 22.80 -1.33
CA HIS A 2505 4.81 23.15 0.07
C HIS A 2505 4.15 22.13 0.97
N GLY A 2506 4.88 21.65 1.96
CA GLY A 2506 4.37 20.60 2.82
C GLY A 2506 5.12 19.31 2.53
N PHE A 2507 4.45 18.36 1.89
CA PHE A 2507 5.10 17.14 1.46
C PHE A 2507 5.90 17.40 0.20
N SER A 2508 7.06 16.76 0.08
CA SER A 2508 7.93 16.99 -1.07
C SER A 2508 7.27 16.56 -2.37
N LYS A 2509 6.59 15.42 -2.36
CA LYS A 2509 5.88 14.88 -3.50
C LYS A 2509 4.51 14.42 -3.02
N LYS A 2510 3.68 13.92 -3.92
CA LYS A 2510 2.32 13.56 -3.55
C LYS A 2510 2.26 12.10 -3.11
N TYR A 2511 2.00 11.89 -1.82
CA TYR A 2511 1.86 10.56 -1.23
C TYR A 2511 0.38 10.24 -1.03
N TYR A 2512 -0.03 9.04 -1.40
CA TYR A 2512 -1.43 8.65 -1.33
C TYR A 2512 -1.69 7.91 -0.02
N PHE A 2513 -2.73 8.32 0.70
CA PHE A 2513 -3.12 7.68 1.96
C PHE A 2513 -4.55 7.19 1.85
N ASN A 2514 -4.76 5.93 2.22
CA ASN A 2514 -6.07 5.30 2.17
C ASN A 2514 -6.60 5.06 3.57
N ASP A 2515 -7.77 4.42 3.63
CA ASP A 2515 -8.36 4.04 4.91
C ASP A 2515 -7.69 2.83 5.53
N CYS A 2516 -6.83 2.12 4.78
CA CYS A 2516 -6.11 1.00 5.37
C CYS A 2516 -5.14 1.47 6.43
N ASP A 2517 -4.59 2.68 6.26
CA ASP A 2517 -3.73 3.23 7.29
C ASP A 2517 -4.53 3.58 8.53
N PHE A 2518 -5.78 3.99 8.35
CA PHE A 2518 -6.65 4.24 9.48
C PHE A 2518 -6.99 2.96 10.20
N GLN A 2519 -7.16 1.87 9.45
CA GLN A 2519 -7.47 0.59 10.05
C GLN A 2519 -6.28 0.07 10.86
N PHE A 2520 -5.09 0.12 10.27
CA PHE A 2520 -3.91 -0.36 10.99
C PHE A 2520 -3.57 0.50 12.19
N ALA A 2521 -3.84 1.80 12.12
CA ALA A 2521 -3.56 2.61 13.29
C ALA A 2521 -4.60 2.38 14.38
N SER A 2522 -5.85 2.14 14.00
CA SER A 2522 -6.88 1.87 14.98
C SER A 2522 -6.65 0.53 15.67
N VAL A 2523 -6.26 -0.49 14.91
CA VAL A 2523 -6.01 -1.78 15.54
C VAL A 2523 -4.78 -1.70 16.45
N TYR A 2524 -3.75 -0.94 16.06
CA TYR A 2524 -2.60 -0.79 16.95
C TYR A 2524 -3.00 -0.04 18.22
N LEU A 2525 -3.94 0.91 18.12
CA LEU A 2525 -4.39 1.63 19.31
C LEU A 2525 -5.18 0.72 20.23
N GLU A 2526 -6.03 -0.13 19.68
CA GLU A 2526 -6.76 -1.06 20.54
C GLU A 2526 -5.82 -2.08 21.15
N ASN A 2527 -4.76 -2.47 20.43
CA ASN A 2527 -3.82 -3.43 20.98
C ASN A 2527 -3.01 -2.83 22.11
N VAL A 2528 -2.61 -1.56 21.99
CA VAL A 2528 -1.83 -0.98 23.08
C VAL A 2528 -2.73 -0.61 24.25
N LEU A 2529 -3.99 -0.26 24.01
CA LEU A 2529 -4.87 0.08 25.12
C LEU A 2529 -5.39 -1.15 25.86
N ALA A 2530 -5.52 -2.28 25.17
CA ALA A 2530 -6.06 -3.47 25.82
C ALA A 2530 -5.09 -4.12 26.79
N THR A 2531 -3.80 -3.89 26.65
CA THR A 2531 -2.81 -4.56 27.49
C THR A 2531 -2.07 -3.61 28.43
N ASN A 2532 -2.51 -2.35 28.56
CA ASN A 2532 -1.82 -1.40 29.41
C ASN A 2532 -2.78 -0.67 30.32
N SER A 2533 -2.33 -0.39 31.53
CA SER A 2533 -3.07 0.37 32.52
C SER A 2533 -3.43 1.77 31.99
N THR A 2534 -4.38 2.41 32.66
CA THR A 2534 -4.95 3.66 32.18
C THR A 2534 -4.06 4.88 32.41
N ASN A 2535 -2.77 4.69 32.72
CA ASN A 2535 -1.87 5.82 32.86
C ASN A 2535 -1.58 6.44 31.49
N ASN A 2536 -0.88 7.57 31.52
CA ASN A 2536 -0.60 8.37 30.34
C ASN A 2536 0.69 7.94 29.63
N ILE A 2537 1.28 6.82 30.03
CA ILE A 2537 2.58 6.42 29.52
C ILE A 2537 2.64 5.93 28.07
N PRO A 2538 1.69 5.17 27.50
CA PRO A 2538 1.98 4.55 26.18
C PRO A 2538 2.08 5.55 25.05
N TRP A 2539 1.81 6.83 25.33
CA TRP A 2539 1.90 7.89 24.34
C TRP A 2539 3.34 8.12 23.92
N ALA A 2540 4.29 7.53 24.64
CA ALA A 2540 5.67 7.59 24.18
C ALA A 2540 5.92 6.68 23.00
N GLN A 2541 5.39 5.45 23.05
CA GLN A 2541 5.66 4.50 21.99
C GLN A 2541 4.64 4.45 20.87
N VAL A 2542 3.43 4.94 21.08
CA VAL A 2542 2.46 4.91 19.99
C VAL A 2542 2.83 5.89 18.88
N ARG A 2543 3.34 7.07 19.24
CA ARG A 2543 3.59 8.13 18.25
C ARG A 2543 4.63 7.72 17.23
N ASP A 2544 5.73 7.13 17.68
CA ASP A 2544 6.76 6.74 16.72
C ASP A 2544 6.26 5.62 15.83
N HIS A 2545 5.43 4.72 16.42
CA HIS A 2545 4.93 3.59 15.66
C HIS A 2545 4.07 4.09 14.52
N ILE A 2546 3.32 5.15 14.76
CA ILE A 2546 2.50 5.67 13.67
C ILE A 2546 3.38 6.40 12.66
N ALA A 2547 4.33 7.21 13.13
CA ALA A 2547 5.12 7.98 12.20
C ALA A 2547 6.18 7.19 11.45
N THR A 2548 6.41 5.94 11.80
CA THR A 2548 7.45 5.17 11.12
C THR A 2548 6.96 3.91 10.43
N ILE A 2549 5.84 3.33 10.86
CA ILE A 2549 5.35 2.08 10.29
C ILE A 2549 3.99 2.26 9.63
N VAL A 2550 3.04 2.88 10.32
CA VAL A 2550 1.68 2.94 9.79
C VAL A 2550 1.60 3.94 8.65
N TYR A 2551 2.10 5.15 8.86
CA TYR A 2551 2.05 6.20 7.86
C TYR A 2551 3.41 6.50 7.23
N GLY A 2552 4.49 6.36 8.00
CA GLY A 2552 5.83 6.53 7.49
C GLY A 2552 6.36 5.41 6.64
N GLY A 2553 5.53 4.45 6.26
CA GLY A 2553 6.01 3.32 5.48
C GLY A 2553 6.21 3.67 4.03
N LYS A 2554 5.24 4.39 3.45
CA LYS A 2554 5.32 4.74 2.04
C LYS A 2554 6.35 5.83 1.80
N ILE A 2555 6.58 6.69 2.78
CA ILE A 2555 7.45 7.84 2.62
C ILE A 2555 8.91 7.40 2.54
N ASP A 2556 9.61 7.91 1.52
CA ASP A 2556 11.03 7.63 1.34
C ASP A 2556 11.94 8.81 1.66
N GLU A 2557 11.49 10.04 1.42
CA GLU A 2557 12.26 11.22 1.78
C GLU A 2557 12.21 11.45 3.28
N GLU A 2558 13.37 11.65 3.89
CA GLU A 2558 13.43 11.83 5.35
C GLU A 2558 12.80 13.15 5.81
N LYS A 2559 12.78 14.17 4.96
CA LYS A 2559 12.17 15.44 5.34
C LYS A 2559 10.67 15.28 5.55
N ASP A 2560 10.02 14.51 4.69
CA ASP A 2560 8.59 14.29 4.85
C ASP A 2560 8.32 13.40 6.06
N LEU A 2561 9.26 12.52 6.39
CA LEU A 2561 9.12 11.75 7.61
C LEU A 2561 9.23 12.65 8.83
N GLU A 2562 10.04 13.71 8.74
CA GLU A 2562 10.10 14.66 9.84
C GLU A 2562 8.82 15.46 9.93
N VAL A 2563 8.16 15.71 8.79
CA VAL A 2563 6.88 16.42 8.82
C VAL A 2563 5.81 15.56 9.48
N VAL A 2564 5.74 14.27 9.14
CA VAL A 2564 4.78 13.38 9.77
C VAL A 2564 5.11 13.19 11.25
N ALA A 2565 6.39 13.18 11.60
CA ALA A 2565 6.77 13.03 13.01
C ALA A 2565 6.37 14.26 13.82
N LYS A 2566 6.63 15.45 13.30
CA LYS A 2566 6.26 16.65 14.04
C LYS A 2566 4.75 16.86 14.06
N LEU A 2567 4.01 16.23 13.14
CA LEU A 2567 2.56 16.37 13.21
C LEU A 2567 1.96 15.37 14.21
N CYS A 2568 2.45 14.13 14.21
CA CYS A 2568 1.93 13.16 15.17
C CYS A 2568 2.36 13.51 16.59
N ALA A 2569 3.53 14.13 16.75
CA ALA A 2569 3.94 14.60 18.07
C ALA A 2569 3.04 15.73 18.56
N HIS A 2570 2.36 16.40 17.66
CA HIS A 2570 1.45 17.48 18.04
C HIS A 2570 0.04 16.97 18.32
N VAL A 2571 -0.40 15.93 17.61
CA VAL A 2571 -1.78 15.50 17.77
C VAL A 2571 -1.99 14.54 18.94
N PHE A 2572 -0.95 13.84 19.40
CA PHE A 2572 -1.14 12.83 20.44
C PHE A 2572 -0.75 13.28 21.84
N CYS A 2573 0.45 13.81 22.03
CA CYS A 2573 0.88 14.17 23.38
C CYS A 2573 0.11 15.37 23.87
N GLY A 2574 -0.47 15.26 25.07
CA GLY A 2574 -1.23 16.35 25.63
C GLY A 2574 -1.88 16.04 26.96
N SER A 2575 -1.84 17.03 27.86
CA SER A 2575 -2.37 16.89 29.22
C SER A 2575 -3.44 17.94 29.44
N ASP A 2576 -4.71 17.51 29.44
CA ASP A 2576 -5.94 18.21 29.78
C ASP A 2576 -6.29 19.35 28.82
N ASN A 2577 -5.45 19.62 27.82
CA ASN A 2577 -5.71 20.67 26.84
C ASN A 2577 -4.81 20.39 25.65
N LEU A 2578 -5.39 20.36 24.46
CA LEU A 2578 -4.61 20.03 23.28
C LEU A 2578 -4.53 21.17 22.29
N GLN A 2579 -5.67 21.74 21.89
CA GLN A 2579 -5.77 22.83 20.92
C GLN A 2579 -5.09 22.45 19.60
N ILE A 2580 -5.64 21.41 18.97
CA ILE A 2580 -5.15 20.99 17.66
C ILE A 2580 -5.32 22.09 16.62
N VAL A 2581 -6.49 22.73 16.60
CA VAL A 2581 -6.72 23.87 15.72
C VAL A 2581 -6.71 25.09 16.63
N PRO A 2582 -6.38 26.29 16.13
CA PRO A 2582 -6.28 27.46 17.02
C PRO A 2582 -7.57 27.84 17.73
N GLY A 2583 -8.72 27.43 17.23
CA GLY A 2583 -9.97 27.81 17.83
C GLY A 2583 -10.48 26.88 18.91
N VAL A 2584 -10.32 25.57 18.71
CA VAL A 2584 -10.98 24.56 19.53
C VAL A 2584 -9.97 23.83 20.41
N ARG A 2585 -10.37 23.57 21.65
CA ARG A 2585 -9.59 22.80 22.61
C ARG A 2585 -10.37 21.55 22.98
N ILE A 2586 -9.67 20.42 23.08
CA ILE A 2586 -10.26 19.12 23.37
C ILE A 2586 -9.92 18.71 24.79
N PRO A 2587 -10.90 18.57 25.69
CA PRO A 2587 -10.59 18.14 27.05
C PRO A 2587 -10.47 16.63 27.16
N GLN A 2588 -9.82 16.20 28.24
CA GLN A 2588 -9.64 14.79 28.53
C GLN A 2588 -10.97 14.17 28.97
N PRO A 2589 -11.17 12.88 28.68
CA PRO A 2589 -12.37 12.18 29.16
C PRO A 2589 -12.51 12.27 30.68
N LEU A 2590 -13.77 12.35 31.12
CA LEU A 2590 -14.05 12.55 32.54
C LEU A 2590 -13.98 11.21 33.28
N LEU A 2591 -14.18 11.26 34.60
CA LEU A 2591 -14.10 10.10 35.46
C LEU A 2591 -15.33 9.21 35.34
N GLN A 2592 -16.46 9.75 34.90
CA GLN A 2592 -17.73 9.02 34.88
C GLN A 2592 -17.69 7.79 33.97
N GLN A 2593 -16.77 7.77 32.99
CA GLN A 2593 -16.52 6.63 32.10
C GLN A 2593 -17.75 6.22 31.28
N SER A 2594 -18.66 7.14 31.00
CA SER A 2594 -19.79 6.82 30.14
C SER A 2594 -19.34 7.03 28.69
N GLU A 2595 -19.35 5.96 27.90
CA GLU A 2595 -18.88 6.09 26.52
C GLU A 2595 -19.91 6.78 25.62
N GLU A 2596 -21.20 6.65 25.93
CA GLU A 2596 -22.20 7.33 25.12
C GLU A 2596 -22.24 8.81 25.42
N GLU A 2597 -21.96 9.18 26.67
CA GLU A 2597 -21.87 10.60 27.02
C GLU A 2597 -20.65 11.21 26.36
N GLU A 2598 -19.53 10.48 26.33
CA GLU A 2598 -18.34 10.98 25.65
C GLU A 2598 -18.56 11.08 24.14
N ARG A 2599 -19.31 10.14 23.55
CA ARG A 2599 -19.63 10.23 22.13
C ARG A 2599 -20.48 11.46 21.85
N ALA A 2600 -21.45 11.74 22.72
CA ALA A 2600 -22.28 12.94 22.55
C ALA A 2600 -21.46 14.20 22.78
N ARG A 2601 -20.48 14.14 23.69
CA ARG A 2601 -19.64 15.30 23.96
C ARG A 2601 -18.72 15.59 22.78
N LEU A 2602 -18.16 14.56 22.17
CA LEU A 2602 -17.30 14.78 21.01
C LEU A 2602 -18.11 15.22 19.79
N THR A 2603 -19.37 14.81 19.70
CA THR A 2603 -20.15 15.33 18.58
C THR A 2603 -20.57 16.77 18.83
N ALA A 2604 -20.83 17.12 20.09
CA ALA A 2604 -21.13 18.51 20.42
C ALA A 2604 -19.92 19.39 20.21
N ILE A 2605 -18.73 18.86 20.51
CA ILE A 2605 -17.51 19.64 20.29
C ILE A 2605 -17.21 19.76 18.81
N LEU A 2606 -17.70 18.85 17.97
CA LEU A 2606 -17.57 19.06 16.53
C LEU A 2606 -18.65 19.96 15.96
N SER A 2607 -19.79 20.10 16.63
CA SER A 2607 -20.85 20.94 16.08
C SER A 2607 -20.63 22.42 16.37
N ASN A 2608 -19.96 22.74 17.47
CA ASN A 2608 -19.76 24.13 17.86
C ASN A 2608 -18.74 24.85 17.00
N THR A 2609 -17.92 24.12 16.25
CA THR A 2609 -16.82 24.70 15.50
C THR A 2609 -17.29 25.39 14.23
N ILE A 2610 -16.56 26.43 13.84
CA ILE A 2610 -16.77 27.15 12.60
C ILE A 2610 -15.46 27.10 11.83
N GLU A 2611 -15.51 26.60 10.61
CA GLU A 2611 -14.31 26.50 9.80
C GLU A 2611 -13.92 27.88 9.29
N PRO A 2612 -12.74 28.39 9.64
CA PRO A 2612 -12.35 29.73 9.18
C PRO A 2612 -11.99 29.72 7.70
N ALA A 2613 -11.83 30.94 7.17
CA ALA A 2613 -11.47 31.07 5.75
C ALA A 2613 -10.02 30.68 5.51
N ASP A 2614 -9.12 30.97 6.45
CA ASP A 2614 -7.72 30.62 6.30
C ASP A 2614 -7.38 29.27 6.91
N SER A 2615 -8.36 28.36 6.96
CA SER A 2615 -8.19 27.05 7.58
C SER A 2615 -7.04 26.26 6.97
N LEU A 2616 -6.82 26.41 5.66
CA LEU A 2616 -5.71 25.73 5.00
C LEU A 2616 -4.36 26.23 5.52
N SER A 2617 -4.30 27.47 5.99
CA SER A 2617 -3.07 28.05 6.51
C SER A 2617 -3.05 28.18 8.02
N SER A 2618 -4.20 28.21 8.68
CA SER A 2618 -4.27 28.37 10.13
C SER A 2618 -4.26 27.02 10.84
N TRP A 2619 -5.07 26.08 10.38
CA TRP A 2619 -5.12 24.76 11.00
C TRP A 2619 -3.84 23.98 10.72
N LEU A 2620 -3.34 24.05 9.50
CA LEU A 2620 -2.04 23.48 9.20
C LEU A 2620 -0.97 24.50 9.56
N GLN A 2621 0.10 24.05 10.20
CA GLN A 2621 1.06 24.98 10.77
C GLN A 2621 1.92 25.71 9.75
N LEU A 2622 1.82 25.40 8.45
CA LEU A 2622 2.57 26.14 7.45
C LEU A 2622 2.03 27.57 7.31
N PRO A 2623 2.90 28.55 7.06
CA PRO A 2623 2.44 29.95 6.98
C PRO A 2623 1.60 30.22 5.75
N ARG A 2624 0.86 31.33 5.81
CA ARG A 2624 -0.04 31.69 4.72
C ARG A 2624 0.70 32.17 3.48
N GLU A 2625 1.94 32.66 3.64
CA GLU A 2625 2.71 33.07 2.48
C GLU A 2625 3.02 31.88 1.58
N SER A 2626 3.16 30.70 2.18
CA SER A 2626 3.34 29.48 1.39
C SER A 2626 2.09 29.17 0.59
N ILE A 2627 0.91 29.49 1.14
CA ILE A 2627 -0.33 29.30 0.41
C ILE A 2627 -0.38 30.24 -0.78
N LEU A 2628 0.04 31.49 -0.58
CA LEU A 2628 0.06 32.45 -1.67
C LEU A 2628 1.07 32.03 -2.73
N ASP A 2629 2.18 31.41 -2.31
CA ASP A 2629 3.17 30.92 -3.25
C ASP A 2629 2.62 29.76 -4.07
N TYR A 2630 1.82 28.89 -3.45
CA TYR A 2630 1.22 27.79 -4.18
C TYR A 2630 0.22 28.29 -5.22
N GLU A 2631 -0.55 29.31 -4.87
CA GLU A 2631 -1.48 29.88 -5.86
C GLU A 2631 -0.72 30.56 -6.99
N ARG A 2632 0.40 31.21 -6.67
CA ARG A 2632 1.19 31.86 -7.71
C ARG A 2632 1.76 30.82 -8.66
N LEU A 2633 2.16 29.66 -8.14
CA LEU A 2633 2.72 28.64 -9.01
C LEU A 2633 1.67 28.04 -9.94
N GLN A 2634 0.47 27.75 -9.42
CA GLN A 2634 -0.51 27.18 -10.34
C GLN A 2634 -1.01 28.21 -11.34
N ALA A 2635 -1.03 29.49 -10.95
CA ALA A 2635 -1.41 30.53 -11.89
C ALA A 2635 -0.35 30.70 -12.97
N LYS A 2636 0.93 30.56 -12.59
CA LYS A 2636 2.00 30.61 -13.58
C LYS A 2636 1.90 29.46 -14.56
N GLU A 2637 1.55 28.26 -14.09
CA GLU A 2637 1.40 27.15 -15.01
C GLU A 2637 0.24 27.35 -15.97
N VAL A 2638 -0.86 27.94 -15.48
CA VAL A 2638 -2.00 28.16 -16.36
C VAL A 2638 -1.70 29.25 -17.39
N ALA A 2639 -1.05 30.32 -16.95
CA ALA A 2639 -0.75 31.42 -17.87
C ALA A 2639 0.27 31.00 -18.92
N SER A 2640 1.25 30.19 -18.52
CA SER A 2640 2.25 29.75 -19.49
C SER A 2640 1.64 28.80 -20.52
N SER A 2641 0.76 27.90 -20.07
CA SER A 2641 0.16 26.98 -21.02
C SER A 2641 -0.79 27.69 -21.99
N THR A 2642 -1.54 28.69 -21.51
CA THR A 2642 -2.43 29.38 -22.44
C THR A 2642 -1.66 30.26 -23.42
N GLU A 2643 -0.56 30.89 -22.97
CA GLU A 2643 0.23 31.68 -23.90
C GLU A 2643 0.85 30.79 -24.97
N GLN A 2644 1.32 29.61 -24.59
CA GLN A 2644 1.88 28.69 -25.56
C GLN A 2644 0.83 28.21 -26.54
N LEU A 2645 -0.38 27.95 -26.06
CA LEU A 2645 -1.45 27.52 -26.98
C LEU A 2645 -1.86 28.64 -27.93
N LEU A 2646 -1.80 29.90 -27.49
CA LEU A 2646 -2.20 30.97 -28.39
C LEU A 2646 -1.15 31.24 -29.45
N GLN A 2647 0.14 31.12 -29.12
CA GLN A 2647 1.17 31.43 -30.11
C GLN A 2647 1.20 30.43 -31.27
N GLU A 2648 0.81 29.18 -31.04
CA GLU A 2648 0.86 28.19 -32.11
C GLU A 2648 -0.23 28.38 -33.15
N MET A 2649 -1.28 29.11 -32.83
CA MET A 2649 -2.37 29.30 -33.80
C MET A 2649 -2.65 30.78 -34.03
#